data_5ZR2
#
_entry.id   5ZR2
#
_cell.length_a   95.107
_cell.length_b   111.737
_cell.length_c   178.246
_cell.angle_alpha   90.00
_cell.angle_beta   90.00
_cell.angle_gamma   90.00
#
_symmetry.space_group_name_H-M   'C 2 2 21'
#
loop_
_entity.id
_entity.type
_entity.pdbx_description
1 polymer 'Phosphoglycerate mutase family protein, putative'
2 non-polymer PHOSPHOSERINE
3 non-polymer 'SULFATE ION'
4 non-polymer 'TETRAETHYLENE GLYCOL'
5 non-polymer DI(HYDROXYETHYL)ETHER
6 water water
#
_entity_poly.entity_id   1
_entity_poly.type   'polypeptide(L)'
_entity_poly.pdbx_seq_one_letter_code
;MTKLILIRAGETEWNLLGKIQGCTDIELTPNGIQQANEVAQQIKGNFDIIYSSPLHRALITAQKIAGDKEVHLIEGMKEI
PFGTWEGHTFEELNGDINYKKFLSGEDGCPFDSTGMSIASWSKKNAQLLLDLCKQNENKTIVCVSHGAWIKTSILGLLEM
EPTMYHKFQLGNTGITTFIFRHGHPVLTSFNSTQHLLTENKSKTGHHHHHH
;
_entity_poly.pdbx_strand_id   A,B,C,D
#
# COMPACT_ATOMS: atom_id res chain seq x y z
N MET A 1 6.03 -32.15 10.07
CA MET A 1 4.97 -32.40 11.11
C MET A 1 4.02 -31.21 11.24
N THR A 2 4.51 -30.09 11.78
CA THR A 2 3.70 -28.87 11.85
C THR A 2 3.40 -28.37 10.42
N LYS A 3 2.13 -28.47 10.04
CA LYS A 3 1.66 -28.07 8.73
C LYS A 3 0.58 -27.00 8.91
N LEU A 4 0.72 -25.88 8.19
CA LEU A 4 -0.26 -24.80 8.23
C LEU A 4 -0.96 -24.69 6.89
N ILE A 5 -2.30 -24.74 6.90
CA ILE A 5 -3.15 -24.63 5.70
C ILE A 5 -4.05 -23.39 5.77
N LEU A 6 -3.82 -22.43 4.88
CA LEU A 6 -4.62 -21.21 4.79
C LEU A 6 -5.57 -21.25 3.59
N ILE A 7 -6.87 -21.16 3.87
CA ILE A 7 -7.90 -21.31 2.84
C ILE A 7 -8.74 -20.05 2.78
N ARG A 8 -8.86 -19.48 1.60
CA ARG A 8 -9.70 -18.32 1.42
C ARG A 8 -11.16 -18.74 1.48
N ALA A 9 -11.99 -17.82 1.96
CA ALA A 9 -13.41 -18.03 2.00
C ALA A 9 -13.98 -18.18 0.60
N GLY A 10 -15.17 -18.78 0.51
CA GLY A 10 -15.85 -18.95 -0.76
C GLY A 10 -16.39 -17.67 -1.36
N GLU A 11 -16.92 -17.82 -2.56
CA GLU A 11 -17.43 -16.70 -3.35
C GLU A 11 -18.62 -15.97 -2.72
N THR A 12 -18.70 -14.68 -3.03
CA THR A 12 -19.76 -13.77 -2.61
C THR A 12 -20.14 -12.93 -3.83
N GLU A 13 -21.27 -12.27 -3.75
CA GLU A 13 -21.72 -11.36 -4.81
C GLU A 13 -20.75 -10.18 -4.99
N TRP A 14 -20.27 -9.65 -3.88
CA TRP A 14 -19.31 -8.55 -3.88
C TRP A 14 -17.98 -8.94 -4.51
N ASN A 15 -17.58 -10.20 -4.36
CA ASN A 15 -16.40 -10.72 -5.06
C ASN A 15 -16.59 -10.62 -6.57
N LEU A 16 -17.74 -11.11 -7.05
CA LEU A 16 -18.08 -11.07 -8.48
C LEU A 16 -18.13 -9.66 -9.07
N LEU A 17 -18.55 -8.69 -8.25
CA LEU A 17 -18.63 -7.28 -8.66
C LEU A 17 -17.30 -6.53 -8.56
N GLY A 18 -16.30 -7.15 -7.93
CA GLY A 18 -15.05 -6.47 -7.60
C GLY A 18 -15.21 -5.44 -6.50
N LYS A 19 -16.28 -5.62 -5.69
CA LYS A 19 -16.60 -4.70 -4.60
C LYS A 19 -15.81 -5.10 -3.36
N ILE A 20 -15.07 -4.16 -2.80
CA ILE A 20 -14.25 -4.41 -1.62
C ILE A 20 -15.17 -4.64 -0.40
N GLN A 21 -15.15 -5.85 0.13
CA GLN A 21 -15.90 -6.19 1.33
C GLN A 21 -15.20 -5.68 2.58
N GLY A 22 -13.96 -6.10 2.76
CA GLY A 22 -13.24 -5.87 4.00
C GLY A 22 -13.99 -6.50 5.16
N CYS A 23 -14.32 -5.70 6.15
CA CYS A 23 -15.06 -6.16 7.33
C CYS A 23 -16.57 -6.39 7.12
N THR A 24 -17.13 -5.82 6.05
CA THR A 24 -18.55 -6.02 5.66
C THR A 24 -18.89 -7.51 5.58
N ASP A 25 -19.88 -7.94 6.36
CA ASP A 25 -20.21 -9.36 6.52
C ASP A 25 -21.15 -9.90 5.42
N ILE A 26 -20.63 -9.97 4.20
CA ILE A 26 -21.38 -10.44 3.03
C ILE A 26 -21.44 -11.97 3.01
N GLU A 27 -22.60 -12.49 2.61
CA GLU A 27 -22.88 -13.93 2.60
C GLU A 27 -22.38 -14.55 1.31
N LEU A 28 -22.28 -15.88 1.33
CA LEU A 28 -21.83 -16.63 0.17
C LEU A 28 -22.92 -16.66 -0.90
N THR A 29 -22.50 -16.77 -2.15
CA THR A 29 -23.38 -17.09 -3.26
C THR A 29 -23.64 -18.60 -3.22
N PRO A 30 -24.68 -19.09 -3.94
CA PRO A 30 -24.86 -20.54 -4.05
C PRO A 30 -23.65 -21.26 -4.63
N ASN A 31 -22.96 -20.61 -5.58
CA ASN A 31 -21.70 -21.11 -6.11
C ASN A 31 -20.60 -21.13 -5.05
N GLY A 32 -20.53 -20.07 -4.25
CA GLY A 32 -19.63 -20.00 -3.10
C GLY A 32 -19.79 -21.12 -2.08
N ILE A 33 -21.01 -21.65 -1.94
CA ILE A 33 -21.25 -22.85 -1.14
C ILE A 33 -20.78 -24.11 -1.86
N GLN A 34 -21.02 -24.21 -3.17
CA GLN A 34 -20.50 -25.35 -3.95
C GLN A 34 -18.99 -25.45 -3.83
N GLN A 35 -18.33 -24.29 -3.91
CA GLN A 35 -16.88 -24.16 -3.73
C GLN A 35 -16.41 -24.65 -2.37
N ALA A 36 -17.13 -24.22 -1.33
CA ALA A 36 -16.88 -24.69 0.04
C ALA A 36 -16.99 -26.21 0.18
N ASN A 37 -17.98 -26.80 -0.48
CA ASN A 37 -18.15 -28.27 -0.48
C ASN A 37 -17.06 -29.01 -1.25
N GLU A 38 -16.66 -28.46 -2.39
CA GLU A 38 -15.60 -29.04 -3.19
C GLU A 38 -14.24 -28.98 -2.50
N VAL A 39 -13.93 -27.87 -1.85
CA VAL A 39 -12.68 -27.77 -1.07
C VAL A 39 -12.75 -28.68 0.18
N ALA A 40 -13.93 -28.78 0.78
CA ALA A 40 -14.15 -29.71 1.89
C ALA A 40 -13.86 -31.17 1.48
N GLN A 41 -14.34 -31.55 0.30
CA GLN A 41 -14.05 -32.85 -0.31
C GLN A 41 -12.57 -33.09 -0.62
N GLN A 42 -11.87 -32.05 -1.05
CA GLN A 42 -10.44 -32.16 -1.35
C GLN A 42 -9.62 -32.45 -0.10
N ILE A 43 -9.85 -31.64 0.93
CA ILE A 43 -9.18 -31.80 2.23
C ILE A 43 -9.52 -33.17 2.84
N LYS A 44 -10.74 -33.66 2.59
CA LYS A 44 -11.30 -34.83 3.29
C LYS A 44 -11.36 -34.39 4.76
N GLY A 45 -10.80 -35.15 5.68
CA GLY A 45 -10.72 -34.73 7.09
C GLY A 45 -9.32 -34.52 7.65
N ASN A 46 -8.33 -34.35 6.77
CA ASN A 46 -6.87 -34.44 7.09
C ASN A 46 -6.36 -33.73 8.35
N PHE A 47 -6.55 -32.41 8.41
CA PHE A 47 -6.26 -31.58 9.60
C PHE A 47 -6.67 -32.09 10.99
N ASP A 48 -5.87 -31.72 11.97
CA ASP A 48 -6.16 -31.94 13.39
C ASP A 48 -7.11 -30.92 14.02
N ILE A 49 -6.86 -29.65 13.74
CA ILE A 49 -7.66 -28.54 14.28
C ILE A 49 -7.94 -27.54 13.15
N ILE A 50 -9.13 -26.95 13.18
CA ILE A 50 -9.54 -25.98 12.18
C ILE A 50 -10.00 -24.69 12.88
N TYR A 51 -9.44 -23.57 12.43
CA TYR A 51 -9.81 -22.25 12.92
C TYR A 51 -10.52 -21.51 11.81
N SER A 52 -11.29 -20.49 12.19
CA SER A 52 -11.93 -19.61 11.21
C SER A 52 -12.09 -18.18 11.68
N SER A 53 -12.06 -17.27 10.71
CA SER A 53 -12.60 -15.95 10.87
C SER A 53 -14.11 -16.06 11.15
N PRO A 54 -14.65 -15.17 12.01
CA PRO A 54 -16.06 -15.24 12.34
C PRO A 54 -17.01 -14.74 11.25
N LEU A 55 -16.49 -14.03 10.24
CA LEU A 55 -17.32 -13.54 9.14
C LEU A 55 -17.95 -14.72 8.38
N HIS A 56 -19.21 -14.57 8.00
CA HIS A 56 -20.02 -15.66 7.47
C HIS A 56 -19.39 -16.38 6.30
N ARG A 57 -18.91 -15.62 5.32
CA ARG A 57 -18.30 -16.22 4.14
C ARG A 57 -17.15 -17.17 4.48
N ALA A 58 -16.41 -16.84 5.53
CA ALA A 58 -15.33 -17.69 6.02
C ALA A 58 -15.83 -18.83 6.90
N LEU A 59 -16.70 -18.49 7.85
CA LEU A 59 -17.19 -19.46 8.84
C LEU A 59 -17.95 -20.61 8.21
N ILE A 60 -18.82 -20.29 7.25
CA ILE A 60 -19.59 -21.31 6.52
C ILE A 60 -18.63 -22.22 5.74
N THR A 61 -17.65 -21.63 5.05
CA THR A 61 -16.62 -22.40 4.35
C THR A 61 -15.91 -23.37 5.30
N ALA A 62 -15.53 -22.87 6.48
CA ALA A 62 -14.82 -23.68 7.48
C ALA A 62 -15.67 -24.82 8.03
N GLN A 63 -16.98 -24.57 8.17
CA GLN A 63 -17.91 -25.59 8.66
C GLN A 63 -18.14 -26.75 7.69
N LYS A 64 -18.06 -26.48 6.39
CA LYS A 64 -18.11 -27.53 5.37
C LYS A 64 -16.87 -28.40 5.45
N ILE A 65 -15.71 -27.74 5.53
CA ILE A 65 -14.40 -28.38 5.66
C ILE A 65 -14.31 -29.22 6.93
N ALA A 66 -14.86 -28.68 8.02
CA ALA A 66 -14.76 -29.31 9.35
C ALA A 66 -15.51 -30.63 9.44
N GLY A 67 -16.60 -30.74 8.69
CA GLY A 67 -17.49 -31.90 8.75
C GLY A 67 -18.01 -32.11 10.16
N ASP A 68 -17.36 -33.02 10.88
CA ASP A 68 -17.72 -33.35 12.28
C ASP A 68 -16.98 -32.55 13.37
N LYS A 69 -15.85 -31.93 13.03
CA LYS A 69 -15.06 -31.22 14.03
C LYS A 69 -15.65 -29.85 14.36
N GLU A 70 -15.19 -29.34 15.49
CA GLU A 70 -15.52 -28.00 15.94
C GLU A 70 -14.73 -27.02 15.07
N VAL A 71 -15.34 -25.86 14.80
CA VAL A 71 -14.65 -24.74 14.13
C VAL A 71 -14.37 -23.67 15.19
N HIS A 72 -13.09 -23.42 15.46
CA HIS A 72 -12.68 -22.48 16.49
C HIS A 72 -12.59 -21.06 15.93
N LEU A 73 -13.41 -20.16 16.47
CA LEU A 73 -13.43 -18.77 16.02
C LEU A 73 -12.21 -18.00 16.50
N ILE A 74 -11.66 -17.16 15.63
CA ILE A 74 -10.54 -16.28 15.98
C ILE A 74 -10.79 -14.89 15.37
N GLU A 75 -11.17 -13.93 16.23
CA GLU A 75 -11.50 -12.57 15.79
C GLU A 75 -10.35 -11.92 15.05
N GLY A 76 -9.14 -12.07 15.58
CA GLY A 76 -7.89 -11.73 14.88
C GLY A 76 -7.76 -12.16 13.42
N MET A 77 -8.49 -13.21 13.03
CA MET A 77 -8.43 -13.77 11.69
C MET A 77 -9.44 -13.15 10.72
N LYS A 78 -10.31 -12.31 11.24
CA LYS A 78 -11.29 -11.53 10.47
C LYS A 78 -10.57 -10.76 9.37
N GLU A 79 -11.29 -10.49 8.28
CA GLU A 79 -10.70 -9.79 7.15
C GLU A 79 -10.24 -8.43 7.61
N ILE A 80 -9.10 -8.03 7.05
CA ILE A 80 -8.51 -6.71 7.23
C ILE A 80 -9.56 -5.63 6.93
N PRO A 81 -9.69 -4.61 7.80
CA PRO A 81 -10.61 -3.54 7.45
C PRO A 81 -10.04 -2.70 6.30
N PHE A 82 -10.88 -2.40 5.33
CA PHE A 82 -10.52 -1.51 4.23
C PHE A 82 -11.06 -0.09 4.43
N GLY A 83 -11.82 0.13 5.50
CA GLY A 83 -12.37 1.43 5.81
C GLY A 83 -13.25 1.97 4.70
N THR A 84 -13.09 3.25 4.40
CA THR A 84 -13.76 3.92 3.27
C THR A 84 -13.75 3.17 1.94
N TRP A 85 -12.65 2.49 1.62
CA TRP A 85 -12.55 1.66 0.40
C TRP A 85 -13.62 0.58 0.27
N GLU A 86 -14.11 0.09 1.41
CA GLU A 86 -15.23 -0.84 1.45
C GLU A 86 -16.45 -0.25 0.75
N GLY A 87 -17.10 -1.07 -0.06
CA GLY A 87 -18.21 -0.64 -0.91
C GLY A 87 -17.82 -0.25 -2.33
N HIS A 88 -16.53 0.02 -2.56
CA HIS A 88 -16.04 0.47 -3.88
C HIS A 88 -15.28 -0.62 -4.62
N THR A 89 -15.14 -0.42 -5.92
CA THR A 89 -14.21 -1.20 -6.74
C THR A 89 -12.88 -0.47 -6.71
N PHE A 90 -11.83 -1.17 -7.11
CA PHE A 90 -10.47 -0.60 -7.15
C PHE A 90 -10.34 0.47 -8.23
N GLU A 91 -11.05 0.26 -9.33
CA GLU A 91 -11.14 1.23 -10.43
C GLU A 91 -11.67 2.58 -9.95
N GLU A 92 -12.62 2.57 -9.01
CA GLU A 92 -13.15 3.80 -8.40
C GLU A 92 -12.14 4.54 -7.51
N LEU A 93 -11.13 3.82 -6.99
CA LEU A 93 -10.13 4.39 -6.10
C LEU A 93 -8.98 5.13 -6.80
N ASN A 94 -9.09 5.36 -8.11
CA ASN A 94 -7.99 5.94 -8.90
C ASN A 94 -7.53 7.31 -8.43
N GLY A 95 -8.49 8.15 -8.02
CA GLY A 95 -8.17 9.46 -7.47
C GLY A 95 -7.91 9.53 -5.97
N ASP A 96 -7.54 8.40 -5.37
CA ASP A 96 -7.20 8.35 -3.95
C ASP A 96 -5.69 8.41 -3.80
N ILE A 97 -5.25 9.14 -2.78
CA ILE A 97 -3.83 9.40 -2.54
C ILE A 97 -3.24 8.16 -1.89
N ASN A 98 -3.94 7.62 -0.89
CA ASN A 98 -3.54 6.41 -0.18
C ASN A 98 -3.52 5.17 -1.07
N TYR A 99 -4.40 5.14 -2.07
CA TYR A 99 -4.35 4.08 -3.08
C TYR A 99 -3.09 4.20 -3.95
N LYS A 100 -2.70 5.44 -4.28
CA LYS A 100 -1.43 5.70 -4.99
C LYS A 100 -0.20 5.18 -4.23
N LYS A 101 -0.26 5.25 -2.89
CA LYS A 101 0.77 4.71 -1.99
C LYS A 101 0.69 3.20 -1.82
N PHE A 102 -0.54 2.72 -1.65
CA PHE A 102 -0.90 1.30 -1.58
C PHE A 102 -0.25 0.47 -2.69
N LEU A 103 -0.24 1.04 -3.89
CA LEU A 103 0.44 0.45 -5.04
C LEU A 103 1.96 0.64 -5.01
N SER A 104 2.39 1.87 -4.74
CA SER A 104 3.81 2.25 -4.89
C SER A 104 4.74 1.67 -3.83
N GLY A 105 4.27 1.59 -2.59
CA GLY A 105 5.10 1.15 -1.44
C GLY A 105 5.21 2.17 -0.33
N GLU A 106 4.87 3.43 -0.64
CA GLU A 106 4.87 4.52 0.35
C GLU A 106 4.12 4.16 1.64
N ASP A 107 4.74 4.45 2.78
CA ASP A 107 4.16 4.24 4.12
C ASP A 107 3.71 2.79 4.37
N GLY A 108 4.47 1.83 3.84
CA GLY A 108 4.15 0.41 3.90
C GLY A 108 2.84 -0.04 3.23
N CYS A 109 2.36 0.73 2.26
CA CYS A 109 1.11 0.49 1.51
C CYS A 109 -0.25 0.63 2.24
N PRO A 110 -0.61 1.86 2.69
CA PRO A 110 -1.84 2.08 3.45
C PRO A 110 -3.16 1.51 2.94
N PHE A 111 -3.91 0.89 3.84
CA PHE A 111 -5.28 0.46 3.60
C PHE A 111 -6.22 1.63 3.87
N ASP A 112 -6.42 2.47 2.85
CA ASP A 112 -7.28 3.67 2.95
C ASP A 112 -6.87 4.57 4.11
N SER A 113 -7.82 4.83 5.02
CA SER A 113 -7.57 5.64 6.21
C SER A 113 -7.84 4.81 7.46
N THR A 114 -7.41 3.55 7.44
CA THR A 114 -7.59 2.66 8.59
C THR A 114 -6.47 2.83 9.59
N GLY A 115 -5.45 3.60 9.23
CA GLY A 115 -4.27 3.79 10.06
C GLY A 115 -3.30 2.62 9.98
N MET A 116 -3.61 1.64 9.15
CA MET A 116 -2.88 0.38 9.07
C MET A 116 -2.55 0.10 7.62
N SER A 117 -1.61 -0.83 7.42
CA SER A 117 -0.98 -1.05 6.11
C SER A 117 -0.66 -2.52 5.85
N ILE A 118 -0.27 -2.80 4.60
CA ILE A 118 0.24 -4.12 4.24
C ILE A 118 1.39 -4.49 5.19
N ALA A 119 2.29 -3.53 5.42
CA ALA A 119 3.45 -3.72 6.28
C ALA A 119 3.10 -4.11 7.73
N SER A 120 2.13 -3.41 8.33
CA SER A 120 1.73 -3.66 9.72
C SER A 120 0.96 -4.97 9.83
N TRP A 121 -0.04 -5.14 8.97
CA TRP A 121 -0.84 -6.37 8.92
C TRP A 121 -0.01 -7.64 8.66
N SER A 122 1.06 -7.52 7.87
CA SER A 122 2.02 -8.61 7.64
C SER A 122 2.69 -9.08 8.93
N LYS A 123 3.26 -8.14 9.67
CA LYS A 123 3.92 -8.43 10.94
C LYS A 123 2.95 -9.03 11.94
N LYS A 124 1.80 -8.37 12.05
CA LYS A 124 0.73 -8.70 12.98
C LYS A 124 0.14 -10.10 12.78
N ASN A 125 -0.30 -10.37 11.55
CA ASN A 125 -0.90 -11.66 11.19
C ASN A 125 0.13 -12.79 11.21
N ALA A 126 1.33 -12.51 10.75
CA ALA A 126 2.44 -13.48 10.85
C ALA A 126 2.63 -13.90 12.30
N GLN A 127 2.77 -12.91 13.19
CA GLN A 127 2.89 -13.17 14.63
C GLN A 127 1.74 -13.98 15.21
N LEU A 128 0.53 -13.76 14.72
CA LEU A 128 -0.65 -14.55 15.11
C LEU A 128 -0.50 -16.00 14.68
N LEU A 129 -0.16 -16.19 13.41
CA LEU A 129 -0.05 -17.53 12.84
C LEU A 129 1.08 -18.34 13.46
N LEU A 130 2.20 -17.68 13.75
CA LEU A 130 3.30 -18.32 14.49
C LEU A 130 2.87 -18.76 15.90
N ASP A 131 2.12 -17.92 16.61
CA ASP A 131 1.60 -18.28 17.94
C ASP A 131 0.65 -19.48 17.90
N LEU A 132 -0.23 -19.50 16.90
CA LEU A 132 -1.10 -20.67 16.66
C LEU A 132 -0.32 -21.95 16.42
N CYS A 133 0.74 -21.85 15.62
CA CYS A 133 1.58 -23.01 15.28
C CYS A 133 2.36 -23.55 16.49
N LYS A 134 2.81 -22.66 17.36
CA LYS A 134 3.43 -23.03 18.64
C LYS A 134 2.42 -23.77 19.53
N GLN A 135 1.22 -23.21 19.61
CA GLN A 135 0.07 -23.81 20.31
C GLN A 135 -0.27 -25.24 19.86
N ASN A 136 -0.14 -25.49 18.55
CA ASN A 136 -0.47 -26.77 17.94
C ASN A 136 0.75 -27.44 17.31
N GLU A 137 1.88 -27.42 18.02
CA GLU A 137 3.14 -27.97 17.51
C GLU A 137 2.94 -29.42 17.06
N ASN A 138 3.50 -29.73 15.89
CA ASN A 138 3.39 -31.06 15.24
C ASN A 138 1.98 -31.50 14.88
N LYS A 139 1.12 -30.52 14.57
CA LYS A 139 -0.23 -30.80 14.08
C LYS A 139 -0.48 -30.10 12.74
N THR A 140 -1.52 -30.56 12.05
CA THR A 140 -1.97 -29.97 10.80
C THR A 140 -3.12 -29.03 11.13
N ILE A 141 -2.89 -27.75 10.86
CA ILE A 141 -3.80 -26.68 11.23
C ILE A 141 -4.41 -26.15 9.94
N VAL A 142 -5.73 -26.03 9.92
CA VAL A 142 -6.45 -25.35 8.84
C VAL A 142 -6.98 -24.04 9.39
N CYS A 143 -6.73 -22.96 8.64
CA CYS A 143 -7.25 -21.64 8.98
C CYS A 143 -8.01 -21.11 7.77
N VAL A 144 -9.29 -20.86 7.95
CA VAL A 144 -10.11 -20.28 6.89
C VAL A 144 -10.22 -18.80 7.17
N SER A 145 -9.89 -17.99 6.17
CA SER A 145 -9.83 -16.54 6.32
C SER A 145 -10.01 -15.91 4.95
N HIS A 146 -9.47 -14.72 4.77
CA HIS A 146 -9.74 -13.90 3.59
C HIS A 146 -8.50 -13.48 2.80
N GLY A 147 -8.76 -12.99 1.59
CA GLY A 147 -7.74 -12.63 0.60
C GLY A 147 -6.62 -11.69 1.03
N ALA A 148 -6.98 -10.51 1.51
CA ALA A 148 -6.00 -9.56 2.02
C ALA A 148 -5.31 -10.12 3.25
N TRP A 149 -6.11 -10.60 4.20
CA TRP A 149 -5.59 -11.27 5.40
C TRP A 149 -4.57 -12.35 5.10
N ILE A 150 -4.89 -13.24 4.16
CA ILE A 150 -4.00 -14.36 3.83
C ILE A 150 -2.75 -13.86 3.10
N LYS A 151 -2.92 -12.94 2.17
CA LYS A 151 -1.77 -12.40 1.43
C LYS A 151 -0.77 -11.69 2.33
N THR A 152 -1.26 -10.91 3.28
CA THR A 152 -0.38 -10.24 4.26
C THR A 152 0.34 -11.26 5.14
N SER A 153 -0.41 -12.26 5.60
CA SER A 153 0.15 -13.43 6.29
C SER A 153 1.32 -14.09 5.56
N ILE A 154 1.17 -14.26 4.24
CA ILE A 154 2.21 -14.88 3.42
C ILE A 154 3.47 -14.01 3.45
N LEU A 155 3.29 -12.73 3.11
CA LEU A 155 4.38 -11.73 3.15
C LEU A 155 5.05 -11.67 4.52
N GLY A 156 4.24 -11.74 5.57
CA GLY A 156 4.72 -11.70 6.94
C GLY A 156 5.62 -12.87 7.26
N LEU A 157 5.07 -14.07 7.10
CA LEU A 157 5.78 -15.32 7.37
C LEU A 157 7.07 -15.48 6.58
N LEU A 158 7.04 -15.07 5.30
CA LEU A 158 8.19 -15.19 4.39
C LEU A 158 9.12 -13.97 4.40
N GLU A 159 8.72 -12.91 5.09
CA GLU A 159 9.53 -11.67 5.27
C GLU A 159 9.75 -10.95 3.96
N MET A 160 8.63 -10.61 3.31
CA MET A 160 8.63 -10.01 2.00
C MET A 160 8.22 -8.54 2.11
N GLU A 161 8.80 -7.72 1.24
CA GLU A 161 8.40 -6.31 1.09
C GLU A 161 6.91 -6.17 0.71
N PRO A 162 6.18 -5.21 1.32
CA PRO A 162 4.75 -4.95 1.09
C PRO A 162 4.25 -4.91 -0.36
N THR A 163 5.08 -4.43 -1.28
CA THR A 163 4.70 -4.33 -2.70
C THR A 163 4.59 -5.69 -3.41
N MET A 164 5.13 -6.76 -2.82
CA MET A 164 4.91 -8.12 -3.29
C MET A 164 3.45 -8.57 -3.19
N TYR A 165 2.68 -7.94 -2.28
CA TYR A 165 1.22 -8.13 -2.19
C TYR A 165 0.52 -8.13 -3.55
N HIS A 166 0.92 -7.20 -4.44
CA HIS A 166 0.25 -7.05 -5.74
C HIS A 166 0.66 -8.08 -6.81
N LYS A 167 1.62 -8.93 -6.47
CA LYS A 167 2.11 -9.99 -7.35
C LYS A 167 1.59 -11.39 -6.99
N PHE A 168 0.78 -11.49 -5.94
CA PHE A 168 0.06 -12.72 -5.59
C PHE A 168 -1.42 -12.50 -5.84
N GLN A 169 -2.05 -13.42 -6.57
CA GLN A 169 -3.51 -13.41 -6.72
C GLN A 169 -4.07 -14.69 -6.12
N LEU A 170 -5.06 -14.53 -5.25
CA LEU A 170 -5.57 -15.62 -4.43
C LEU A 170 -7.07 -15.78 -4.67
N GLY A 171 -7.49 -16.99 -5.04
CA GLY A 171 -8.85 -17.28 -5.43
C GLY A 171 -9.70 -17.77 -4.29
N ASN A 172 -11.01 -17.77 -4.48
CA ASN A 172 -11.98 -18.25 -3.50
C ASN A 172 -11.77 -19.73 -3.26
N THR A 173 -11.62 -20.10 -2.00
CA THR A 173 -11.29 -21.47 -1.57
C THR A 173 -9.91 -21.92 -2.09
N GLY A 174 -9.02 -20.95 -2.31
CA GLY A 174 -7.65 -21.22 -2.73
C GLY A 174 -6.84 -21.72 -1.55
N ILE A 175 -6.17 -22.85 -1.74
CA ILE A 175 -5.36 -23.46 -0.67
C ILE A 175 -3.91 -22.98 -0.74
N THR A 176 -3.41 -22.53 0.39
CA THR A 176 -2.05 -22.05 0.55
C THR A 176 -1.53 -22.76 1.79
N THR A 177 -0.36 -23.37 1.68
CA THR A 177 0.19 -24.23 2.72
C THR A 177 1.62 -23.88 3.06
N PHE A 178 1.96 -23.99 4.35
CA PHE A 178 3.34 -23.81 4.84
C PHE A 178 3.79 -25.03 5.64
N ILE A 179 5.10 -25.24 5.66
CA ILE A 179 5.77 -26.07 6.66
C ILE A 179 6.91 -25.26 7.24
N PHE A 180 7.57 -25.75 8.27
CA PHE A 180 8.68 -25.06 8.89
C PHE A 180 9.93 -25.91 8.76
N ARG A 181 10.75 -25.59 7.78
CA ARG A 181 11.94 -26.37 7.46
C ARG A 181 13.08 -26.24 8.40
N HIS A 182 13.22 -25.09 8.99
CA HIS A 182 14.28 -24.90 9.94
C HIS A 182 13.61 -24.56 11.22
N GLY A 183 13.13 -23.35 11.29
CA GLY A 183 12.33 -22.85 12.37
C GLY A 183 11.39 -21.86 11.70
N HIS A 184 11.77 -21.43 10.50
CA HIS A 184 11.15 -20.50 9.63
C HIS A 184 10.25 -21.25 8.72
N PRO A 185 9.25 -20.55 8.23
CA PRO A 185 8.27 -21.18 7.35
C PRO A 185 8.77 -21.32 5.93
N VAL A 186 8.23 -22.33 5.24
CA VAL A 186 8.51 -22.59 3.85
C VAL A 186 7.16 -22.78 3.15
N LEU A 187 6.94 -22.01 2.09
CA LEU A 187 5.75 -22.13 1.26
C LEU A 187 5.83 -23.43 0.47
N THR A 188 4.87 -24.32 0.70
CA THR A 188 4.74 -25.59 -0.05
C THR A 188 3.66 -25.56 -1.14
N SER A 189 2.67 -24.68 -1.01
CA SER A 189 1.72 -24.41 -2.09
C SER A 189 1.13 -23.03 -1.93
N PHE A 190 0.61 -22.46 -3.02
CA PHE A 190 -0.12 -21.20 -2.98
C PHE A 190 -1.27 -21.22 -3.98
N ASN A 191 -2.44 -20.77 -3.52
CA ASN A 191 -3.66 -20.66 -4.32
C ASN A 191 -3.97 -21.88 -5.19
N SER A 192 -3.79 -23.05 -4.62
CA SER A 192 -4.17 -24.29 -5.27
C SER A 192 -5.71 -24.33 -5.34
N THR A 193 -6.23 -24.41 -6.57
CA THR A 193 -7.69 -24.36 -6.85
C THR A 193 -8.17 -25.51 -7.76
N GLN A 194 -7.38 -26.57 -7.90
CA GLN A 194 -7.71 -27.72 -8.79
C GLN A 194 -9.00 -28.47 -8.44
N HIS A 195 -9.43 -28.34 -7.18
CA HIS A 195 -10.72 -28.89 -6.70
C HIS A 195 -12.00 -28.24 -7.26
N LEU A 196 -11.87 -27.10 -7.94
CA LEU A 196 -13.01 -26.39 -8.54
C LEU A 196 -13.23 -26.76 -10.01
N LEU A 197 -14.50 -26.74 -10.43
CA LEU A 197 -14.90 -27.11 -11.79
C LEU A 197 -15.53 -25.89 -12.47
N MET B 1 -6.16 -13.74 -22.63
CA MET B 1 -4.96 -13.12 -21.96
C MET B 1 -3.79 -14.10 -21.83
N THR B 2 -2.57 -13.55 -21.77
CA THR B 2 -1.35 -14.35 -21.63
C THR B 2 -1.31 -15.06 -20.27
N LYS B 3 -1.22 -16.39 -20.31
CA LYS B 3 -1.13 -17.24 -19.13
C LYS B 3 0.10 -18.13 -19.24
N LEU B 4 0.92 -18.15 -18.20
CA LEU B 4 2.14 -18.96 -18.16
C LEU B 4 1.98 -20.07 -17.13
N ILE B 5 2.35 -21.30 -17.52
CA ILE B 5 2.23 -22.48 -16.66
C ILE B 5 3.59 -23.18 -16.57
N LEU B 6 4.25 -23.06 -15.42
CA LEU B 6 5.51 -23.78 -15.15
C LEU B 6 5.27 -25.05 -14.36
N ILE B 7 5.65 -26.18 -14.96
CA ILE B 7 5.48 -27.51 -14.38
C ILE B 7 6.85 -28.15 -14.12
N ARG B 8 7.04 -28.67 -12.92
CA ARG B 8 8.26 -29.42 -12.59
C ARG B 8 8.18 -30.86 -13.12
N ALA B 9 9.31 -31.40 -13.54
CA ALA B 9 9.37 -32.75 -14.07
C ALA B 9 9.01 -33.78 -13.01
N GLY B 10 8.63 -34.97 -13.48
CA GLY B 10 8.26 -36.06 -12.59
C GLY B 10 9.41 -36.55 -11.72
N GLU B 11 9.07 -37.46 -10.82
CA GLU B 11 10.00 -38.05 -9.87
C GLU B 11 11.07 -38.90 -10.54
N THR B 12 12.24 -38.92 -9.91
CA THR B 12 13.35 -39.81 -10.26
C THR B 12 13.90 -40.48 -8.98
N GLU B 13 14.78 -41.45 -9.17
CA GLU B 13 15.47 -42.10 -8.03
C GLU B 13 16.35 -41.12 -7.25
N TRP B 14 17.03 -40.24 -7.98
CA TRP B 14 17.86 -39.19 -7.41
C TRP B 14 17.04 -38.22 -6.55
N ASN B 15 15.81 -37.94 -6.96
CA ASN B 15 14.87 -37.17 -6.13
C ASN B 15 14.57 -37.86 -4.80
N LEU B 16 14.31 -39.17 -4.85
CA LEU B 16 14.01 -39.93 -3.63
C LEU B 16 15.17 -40.00 -2.65
N LEU B 17 16.40 -39.94 -3.17
CA LEU B 17 17.60 -39.93 -2.34
C LEU B 17 17.99 -38.55 -1.78
N GLY B 18 17.37 -37.49 -2.28
CA GLY B 18 17.81 -36.13 -2.00
C GLY B 18 19.11 -35.81 -2.73
N LYS B 19 19.35 -36.48 -3.85
CA LYS B 19 20.59 -36.39 -4.60
C LYS B 19 20.47 -35.34 -5.69
N ILE B 20 21.42 -34.42 -5.76
CA ILE B 20 21.37 -33.30 -6.70
C ILE B 20 21.65 -33.77 -8.13
N GLN B 21 20.64 -33.72 -8.99
CA GLN B 21 20.80 -34.08 -10.40
C GLN B 21 21.53 -33.00 -11.18
N GLY B 22 20.97 -31.79 -11.16
CA GLY B 22 21.46 -30.70 -11.99
C GLY B 22 21.26 -31.08 -13.44
N CYS B 23 22.34 -30.99 -14.22
CA CYS B 23 22.35 -31.37 -15.65
C CYS B 23 22.26 -32.87 -15.94
N THR B 24 22.63 -33.73 -14.99
CA THR B 24 22.69 -35.18 -15.27
C THR B 24 21.30 -35.67 -15.63
N ASP B 25 21.23 -36.44 -16.72
CA ASP B 25 19.97 -36.81 -17.35
C ASP B 25 19.44 -38.12 -16.76
N ILE B 26 18.92 -38.02 -15.55
CA ILE B 26 18.29 -39.16 -14.86
C ILE B 26 16.87 -39.39 -15.38
N GLU B 27 16.49 -40.66 -15.50
CA GLU B 27 15.17 -41.05 -16.00
C GLU B 27 14.15 -41.02 -14.88
N LEU B 28 12.88 -41.10 -15.26
CA LEU B 28 11.77 -41.15 -14.31
C LEU B 28 11.70 -42.49 -13.61
N THR B 29 11.23 -42.49 -12.37
CA THR B 29 10.76 -43.72 -11.71
C THR B 29 9.37 -44.10 -12.24
N PRO B 30 8.93 -45.37 -12.07
CA PRO B 30 7.55 -45.73 -12.47
C PRO B 30 6.48 -44.84 -11.84
N ASN B 31 6.72 -44.40 -10.61
CA ASN B 31 5.87 -43.41 -9.95
C ASN B 31 5.94 -42.04 -10.64
N GLY B 32 7.14 -41.60 -10.97
CA GLY B 32 7.34 -40.38 -11.76
C GLY B 32 6.53 -40.32 -13.05
N ILE B 33 6.41 -41.48 -13.70
CA ILE B 33 5.58 -41.63 -14.90
C ILE B 33 4.10 -41.56 -14.54
N GLN B 34 3.70 -42.20 -13.44
CA GLN B 34 2.32 -42.11 -12.93
C GLN B 34 1.91 -40.67 -12.58
N GLN B 35 2.86 -39.92 -12.02
CA GLN B 35 2.69 -38.48 -11.79
C GLN B 35 2.48 -37.73 -13.11
N ALA B 36 3.31 -38.04 -14.11
CA ALA B 36 3.24 -37.40 -15.42
C ALA B 36 1.88 -37.59 -16.10
N ASN B 37 1.35 -38.82 -16.00
CA ASN B 37 0.01 -39.14 -16.48
C ASN B 37 -1.02 -38.26 -15.78
N GLU B 38 -0.94 -38.27 -14.46
CA GLU B 38 -1.90 -37.56 -13.61
C GLU B 38 -1.93 -36.05 -13.89
N VAL B 39 -0.77 -35.42 -14.01
CA VAL B 39 -0.71 -33.98 -14.34
C VAL B 39 -1.24 -33.72 -15.77
N ALA B 40 -0.91 -34.61 -16.69
CA ALA B 40 -1.44 -34.55 -18.06
C ALA B 40 -2.97 -34.62 -18.08
N GLN B 41 -3.51 -35.57 -17.32
CA GLN B 41 -4.97 -35.73 -17.10
C GLN B 41 -5.64 -34.49 -16.51
N GLN B 42 -4.94 -33.80 -15.60
CA GLN B 42 -5.44 -32.55 -15.00
C GLN B 42 -5.50 -31.43 -16.04
N ILE B 43 -4.35 -31.20 -16.69
CA ILE B 43 -4.22 -30.14 -17.71
C ILE B 43 -5.25 -30.31 -18.84
N LYS B 44 -5.54 -31.56 -19.22
CA LYS B 44 -6.56 -31.90 -20.25
C LYS B 44 -6.32 -31.20 -21.59
N GLY B 45 -5.07 -31.10 -22.01
CA GLY B 45 -4.74 -30.41 -23.27
C GLY B 45 -5.14 -28.94 -23.35
N ASN B 46 -5.35 -28.32 -22.18
CA ASN B 46 -5.94 -26.98 -22.05
C ASN B 46 -4.88 -25.87 -22.07
N PHE B 47 -4.21 -25.77 -23.21
CA PHE B 47 -3.13 -24.82 -23.44
C PHE B 47 -2.96 -24.67 -24.95
N ASP B 48 -2.27 -23.62 -25.38
CA ASP B 48 -2.07 -23.37 -26.82
C ASP B 48 -0.72 -23.84 -27.37
N ILE B 49 0.32 -23.77 -26.55
CA ILE B 49 1.67 -24.20 -26.95
C ILE B 49 2.40 -24.72 -25.72
N ILE B 50 3.27 -25.71 -25.92
CA ILE B 50 4.01 -26.36 -24.82
C ILE B 50 5.50 -26.41 -25.15
N TYR B 51 6.32 -25.94 -24.21
CA TYR B 51 7.78 -26.01 -24.31
C TYR B 51 8.33 -26.93 -23.24
N SER B 52 9.55 -27.44 -23.48
CA SER B 52 10.18 -28.35 -22.53
C SER B 52 11.69 -28.26 -22.50
N SER B 53 12.24 -28.48 -21.31
CA SER B 53 13.63 -28.88 -21.15
C SER B 53 13.85 -30.19 -21.92
N PRO B 54 15.01 -30.33 -22.58
CA PRO B 54 15.31 -31.54 -23.34
C PRO B 54 15.72 -32.75 -22.50
N LEU B 55 16.02 -32.55 -21.21
CA LEU B 55 16.30 -33.65 -20.30
C LEU B 55 15.08 -34.58 -20.17
N HIS B 56 15.35 -35.88 -20.16
CA HIS B 56 14.31 -36.92 -20.29
C HIS B 56 13.20 -36.84 -19.26
N ARG B 57 13.57 -36.63 -18.01
CA ARG B 57 12.58 -36.49 -16.93
C ARG B 57 11.56 -35.37 -17.17
N ALA B 58 12.02 -34.27 -17.77
CA ALA B 58 11.13 -33.17 -18.17
C ALA B 58 10.37 -33.50 -19.44
N LEU B 59 11.12 -33.87 -20.48
CA LEU B 59 10.57 -34.10 -21.82
C LEU B 59 9.49 -35.18 -21.86
N ILE B 60 9.67 -36.25 -21.10
CA ILE B 60 8.66 -37.31 -21.02
C ILE B 60 7.39 -36.79 -20.36
N THR B 61 7.54 -36.01 -19.29
CA THR B 61 6.41 -35.34 -18.65
C THR B 61 5.68 -34.40 -19.62
N ALA B 62 6.44 -33.65 -20.42
CA ALA B 62 5.86 -32.74 -21.43
C ALA B 62 5.09 -33.52 -22.50
N GLN B 63 5.65 -34.66 -22.90
CA GLN B 63 5.01 -35.52 -23.91
C GLN B 63 3.67 -36.13 -23.46
N LYS B 64 3.57 -36.50 -22.19
CA LYS B 64 2.30 -36.96 -21.61
C LYS B 64 1.26 -35.84 -21.63
N ILE B 65 1.69 -34.66 -21.20
CA ILE B 65 0.85 -33.46 -21.16
C ILE B 65 0.44 -33.00 -22.56
N ALA B 66 1.40 -32.97 -23.48
CA ALA B 66 1.18 -32.48 -24.86
C ALA B 66 0.17 -33.31 -25.64
N GLY B 67 0.20 -34.63 -25.41
CA GLY B 67 -0.62 -35.59 -26.14
C GLY B 67 -0.37 -35.18 -27.58
N ASP B 68 -1.47 -34.95 -28.30
CA ASP B 68 -1.44 -34.60 -29.73
C ASP B 68 -0.44 -33.55 -30.24
N LYS B 69 -0.16 -32.54 -29.42
CA LYS B 69 0.64 -31.39 -29.85
C LYS B 69 2.15 -31.69 -29.88
N GLU B 70 2.87 -30.77 -30.52
CA GLU B 70 4.32 -30.83 -30.58
C GLU B 70 4.91 -30.22 -29.31
N VAL B 71 5.93 -30.88 -28.77
CA VAL B 71 6.69 -30.38 -27.62
C VAL B 71 7.90 -29.65 -28.17
N HIS B 72 7.97 -28.34 -27.94
CA HIS B 72 9.04 -27.51 -28.46
C HIS B 72 10.21 -27.49 -27.47
N LEU B 73 11.32 -28.12 -27.84
CA LEU B 73 12.51 -28.13 -26.98
C LEU B 73 13.11 -26.75 -26.89
N ILE B 74 13.59 -26.41 -25.70
CA ILE B 74 14.36 -25.20 -25.47
C ILE B 74 15.53 -25.58 -24.59
N GLU B 75 16.74 -25.48 -25.14
CA GLU B 75 17.97 -25.80 -24.41
C GLU B 75 18.15 -24.94 -23.17
N GLY B 76 17.74 -23.66 -23.27
CA GLY B 76 17.79 -22.74 -22.13
C GLY B 76 16.93 -23.11 -20.93
N MET B 77 15.99 -24.05 -21.16
CA MET B 77 15.06 -24.51 -20.13
C MET B 77 15.58 -25.70 -19.31
N LYS B 78 16.64 -26.34 -19.81
CA LYS B 78 17.33 -27.43 -19.10
C LYS B 78 17.69 -27.02 -17.67
N GLU B 79 17.74 -28.00 -16.78
CA GLU B 79 17.99 -27.73 -15.36
C GLU B 79 19.33 -27.05 -15.19
N ILE B 80 19.34 -26.10 -14.27
CA ILE B 80 20.52 -25.36 -13.85
C ILE B 80 21.64 -26.36 -13.51
N PRO B 81 22.86 -26.12 -14.06
CA PRO B 81 23.98 -26.97 -13.65
C PRO B 81 24.39 -26.65 -12.22
N PHE B 82 24.57 -27.71 -11.42
CA PHE B 82 25.06 -27.62 -10.04
C PHE B 82 26.54 -27.98 -9.90
N GLY B 83 27.22 -28.24 -11.02
CA GLY B 83 28.66 -28.59 -11.05
C GLY B 83 29.12 -29.58 -9.97
N THR B 84 30.05 -29.11 -9.13
CA THR B 84 30.59 -29.85 -7.97
C THR B 84 29.56 -30.62 -7.13
N TRP B 85 28.41 -30.00 -6.92
CA TRP B 85 27.37 -30.53 -6.03
C TRP B 85 26.53 -31.66 -6.61
N GLU B 86 26.52 -31.78 -7.94
CA GLU B 86 25.79 -32.84 -8.63
C GLU B 86 26.27 -34.21 -8.14
N GLY B 87 25.31 -35.08 -7.86
CA GLY B 87 25.60 -36.39 -7.29
C GLY B 87 25.75 -36.41 -5.78
N HIS B 88 25.33 -35.35 -5.10
CA HIS B 88 25.41 -35.26 -3.64
C HIS B 88 24.10 -34.79 -3.03
N THR B 89 23.94 -35.11 -1.75
CA THR B 89 22.90 -34.55 -0.90
C THR B 89 23.38 -33.19 -0.40
N PHE B 90 22.46 -32.39 0.13
CA PHE B 90 22.82 -31.10 0.75
C PHE B 90 23.58 -31.27 2.07
N GLU B 91 23.25 -32.31 2.83
CA GLU B 91 23.97 -32.66 4.07
C GLU B 91 25.46 -32.90 3.87
N GLU B 92 25.81 -33.47 2.71
CA GLU B 92 27.21 -33.67 2.32
C GLU B 92 27.99 -32.37 2.06
N LEU B 93 27.27 -31.31 1.67
CA LEU B 93 27.87 -30.01 1.35
C LEU B 93 28.21 -29.10 2.55
N ASN B 94 28.07 -29.63 3.77
CA ASN B 94 28.27 -28.84 5.02
C ASN B 94 29.57 -28.03 5.15
N GLY B 95 30.66 -28.58 4.63
CA GLY B 95 31.97 -27.92 4.67
C GLY B 95 32.32 -27.01 3.50
N ASP B 96 31.39 -26.85 2.56
CA ASP B 96 31.62 -26.07 1.35
C ASP B 96 31.35 -24.59 1.62
N ILE B 97 32.32 -23.74 1.29
CA ILE B 97 32.20 -22.28 1.51
C ILE B 97 31.09 -21.70 0.63
N ASN B 98 31.02 -22.14 -0.62
CA ASN B 98 29.99 -21.68 -1.56
C ASN B 98 28.58 -22.11 -1.15
N TYR B 99 28.47 -23.25 -0.46
CA TYR B 99 27.20 -23.66 0.10
C TYR B 99 26.74 -22.75 1.25
N LYS B 100 27.69 -22.29 2.08
CA LYS B 100 27.38 -21.32 3.14
C LYS B 100 26.95 -19.97 2.56
N LYS B 101 27.58 -19.58 1.46
CA LYS B 101 27.14 -18.42 0.67
C LYS B 101 25.77 -18.62 0.01
N PHE B 102 25.57 -19.80 -0.59
CA PHE B 102 24.29 -20.21 -1.21
C PHE B 102 23.09 -20.04 -0.28
N LEU B 103 23.28 -20.34 1.00
CA LEU B 103 22.25 -20.12 2.03
C LEU B 103 22.14 -18.64 2.44
N SER B 104 23.27 -18.04 2.80
CA SER B 104 23.33 -16.69 3.39
C SER B 104 22.85 -15.56 2.50
N GLY B 105 23.22 -15.60 1.22
CA GLY B 105 22.99 -14.48 0.29
C GLY B 105 24.24 -14.01 -0.43
N GLU B 106 25.40 -14.15 0.23
CA GLU B 106 26.71 -13.84 -0.35
C GLU B 106 26.87 -14.21 -1.83
N ASP B 107 27.35 -13.27 -2.63
CA ASP B 107 27.60 -13.47 -4.08
C ASP B 107 26.36 -13.93 -4.89
N GLY B 108 25.18 -13.45 -4.49
CA GLY B 108 23.91 -13.85 -5.10
C GLY B 108 23.53 -15.32 -4.97
N CYS B 109 24.06 -15.98 -3.93
CA CYS B 109 23.84 -17.41 -3.68
C CYS B 109 24.42 -18.34 -4.77
N PRO B 110 25.76 -18.54 -4.78
CA PRO B 110 26.39 -19.37 -5.83
C PRO B 110 25.94 -20.83 -5.90
N PHE B 111 25.71 -21.28 -7.14
CA PHE B 111 25.55 -22.69 -7.46
C PHE B 111 26.95 -23.29 -7.64
N ASP B 112 27.47 -23.91 -6.57
CA ASP B 112 28.78 -24.60 -6.54
C ASP B 112 29.92 -23.76 -7.13
N SER B 113 30.68 -24.32 -8.09
CA SER B 113 31.71 -23.57 -8.82
C SER B 113 31.38 -23.39 -10.30
N THR B 114 30.09 -23.17 -10.60
CA THR B 114 29.62 -22.99 -11.97
C THR B 114 29.83 -21.57 -12.50
N GLY B 115 30.23 -20.65 -11.63
CA GLY B 115 30.32 -19.22 -11.96
C GLY B 115 28.97 -18.54 -12.11
N MET B 116 27.91 -19.21 -11.65
CA MET B 116 26.53 -18.74 -11.79
C MET B 116 25.82 -18.92 -10.45
N SER B 117 24.73 -18.20 -10.26
CA SER B 117 24.07 -18.07 -8.96
C SER B 117 22.56 -17.97 -9.11
N ILE B 118 21.86 -18.00 -7.97
CA ILE B 118 20.40 -17.80 -7.95
C ILE B 118 20.06 -16.44 -8.57
N ALA B 119 20.86 -15.43 -8.24
CA ALA B 119 20.69 -14.09 -8.76
C ALA B 119 20.79 -14.02 -10.29
N SER B 120 21.87 -14.57 -10.83
CA SER B 120 22.09 -14.54 -12.30
C SER B 120 21.08 -15.38 -13.07
N TRP B 121 20.79 -16.57 -12.54
CA TRP B 121 19.78 -17.46 -13.11
C TRP B 121 18.37 -16.85 -13.04
N SER B 122 18.08 -16.13 -11.96
CA SER B 122 16.80 -15.41 -11.83
C SER B 122 16.56 -14.42 -12.95
N LYS B 123 17.51 -13.51 -13.17
CA LYS B 123 17.44 -12.53 -14.27
C LYS B 123 17.31 -13.21 -15.65
N LYS B 124 18.14 -14.23 -15.86
CA LYS B 124 18.26 -14.93 -17.13
C LYS B 124 16.99 -15.71 -17.49
N ASN B 125 16.50 -16.51 -16.55
CA ASN B 125 15.29 -17.31 -16.76
C ASN B 125 14.04 -16.44 -16.82
N ALA B 126 14.00 -15.39 -16.00
CA ALA B 126 12.96 -14.36 -16.10
C ALA B 126 12.92 -13.80 -17.51
N GLN B 127 14.08 -13.39 -18.01
CA GLN B 127 14.20 -12.80 -19.34
C GLN B 127 13.69 -13.74 -20.43
N LEU B 128 14.17 -14.98 -20.40
CA LEU B 128 13.74 -16.02 -21.36
C LEU B 128 12.22 -16.15 -21.39
N LEU B 129 11.62 -16.34 -20.22
CA LEU B 129 10.18 -16.55 -20.10
C LEU B 129 9.35 -15.36 -20.58
N LEU B 130 9.88 -14.15 -20.41
CA LEU B 130 9.22 -12.95 -20.90
C LEU B 130 9.27 -12.89 -22.43
N ASP B 131 10.41 -13.24 -23.03
CA ASP B 131 10.54 -13.37 -24.49
C ASP B 131 9.55 -14.39 -25.07
N LEU B 132 9.49 -15.55 -24.44
CA LEU B 132 8.51 -16.60 -24.78
C LEU B 132 7.08 -16.09 -24.70
N CYS B 133 6.78 -15.38 -23.63
CA CYS B 133 5.47 -14.74 -23.44
C CYS B 133 5.15 -13.68 -24.50
N LYS B 134 6.15 -12.89 -24.89
CA LYS B 134 5.99 -11.90 -25.98
C LYS B 134 5.66 -12.58 -27.30
N GLN B 135 6.54 -13.52 -27.68
CA GLN B 135 6.31 -14.39 -28.86
C GLN B 135 4.90 -14.99 -28.93
N ASN B 136 4.37 -15.41 -27.78
CA ASN B 136 3.02 -15.99 -27.67
C ASN B 136 2.05 -15.12 -26.86
N GLU B 137 2.12 -13.81 -27.06
CA GLU B 137 1.21 -12.89 -26.37
C GLU B 137 -0.23 -13.33 -26.64
N ASN B 138 -1.02 -13.42 -25.56
CA ASN B 138 -2.43 -13.85 -25.58
C ASN B 138 -2.70 -15.36 -25.71
N LYS B 139 -1.69 -16.18 -25.46
CA LYS B 139 -1.85 -17.65 -25.46
C LYS B 139 -1.56 -18.23 -24.07
N THR B 140 -1.96 -19.47 -23.87
CA THR B 140 -1.65 -20.22 -22.65
C THR B 140 -0.42 -21.09 -22.90
N ILE B 141 0.68 -20.72 -22.26
CA ILE B 141 1.98 -21.33 -22.50
C ILE B 141 2.29 -22.26 -21.36
N VAL B 142 2.61 -23.50 -21.71
CA VAL B 142 3.09 -24.48 -20.76
C VAL B 142 4.59 -24.56 -20.94
N CYS B 143 5.31 -24.62 -19.83
CA CYS B 143 6.73 -24.87 -19.82
C CYS B 143 7.01 -25.98 -18.82
N VAL B 144 7.59 -27.07 -19.30
CA VAL B 144 8.03 -28.15 -18.43
C VAL B 144 9.54 -28.00 -18.18
N SER B 145 9.91 -27.94 -16.91
CA SER B 145 11.29 -27.71 -16.53
C SER B 145 11.46 -28.22 -15.09
N HIS B 146 12.52 -27.74 -14.44
CA HIS B 146 13.01 -28.36 -13.21
C HIS B 146 12.95 -27.47 -11.97
N GLY B 147 13.10 -28.09 -10.81
CA GLY B 147 13.05 -27.40 -9.50
C GLY B 147 13.76 -26.07 -9.41
N ALA B 148 15.10 -26.11 -9.47
CA ALA B 148 15.93 -24.92 -9.37
C ALA B 148 15.62 -23.91 -10.48
N TRP B 149 15.44 -24.42 -11.69
CA TRP B 149 15.13 -23.60 -12.86
C TRP B 149 13.81 -22.83 -12.69
N ILE B 150 12.80 -23.49 -12.14
CA ILE B 150 11.49 -22.88 -11.94
C ILE B 150 11.53 -21.89 -10.78
N LYS B 151 12.15 -22.28 -9.67
CA LYS B 151 12.27 -21.41 -8.49
C LYS B 151 13.01 -20.10 -8.79
N THR B 152 14.11 -20.20 -9.52
CA THR B 152 14.83 -19.01 -10.01
C THR B 152 13.95 -18.18 -10.96
N SER B 153 13.15 -18.84 -11.80
CA SER B 153 12.19 -18.14 -12.66
C SER B 153 11.16 -17.34 -11.87
N ILE B 154 10.67 -17.92 -10.77
CA ILE B 154 9.68 -17.26 -9.90
C ILE B 154 10.28 -16.01 -9.28
N LEU B 155 11.43 -16.17 -8.64
CA LEU B 155 12.18 -15.05 -8.05
C LEU B 155 12.44 -13.93 -9.08
N GLY B 156 12.85 -14.32 -10.28
CA GLY B 156 13.18 -13.37 -11.33
C GLY B 156 11.99 -12.61 -11.89
N LEU B 157 10.90 -13.34 -12.15
CA LEU B 157 9.63 -12.74 -12.60
C LEU B 157 9.01 -11.81 -11.55
N LEU B 158 9.01 -12.26 -10.29
CA LEU B 158 8.46 -11.47 -9.16
C LEU B 158 9.46 -10.48 -8.54
N GLU B 159 10.72 -10.54 -8.98
CA GLU B 159 11.78 -9.61 -8.58
C GLU B 159 12.07 -9.71 -7.08
N MET B 160 12.42 -10.92 -6.66
CA MET B 160 12.67 -11.26 -5.26
C MET B 160 14.15 -11.50 -4.99
N GLU B 161 14.53 -11.34 -3.74
CA GLU B 161 15.89 -11.59 -3.29
C GLU B 161 16.23 -13.08 -3.43
N PRO B 162 17.45 -13.42 -3.91
CA PRO B 162 17.91 -14.81 -4.09
C PRO B 162 17.61 -15.75 -2.93
N THR B 163 17.81 -15.28 -1.72
CA THR B 163 17.59 -16.04 -0.49
C THR B 163 16.16 -16.59 -0.34
N MET B 164 15.17 -15.90 -0.92
CA MET B 164 13.77 -16.37 -0.94
C MET B 164 13.62 -17.76 -1.58
N TYR B 165 14.53 -18.13 -2.48
CA TYR B 165 14.68 -19.51 -3.00
C TYR B 165 14.50 -20.61 -1.94
N HIS B 166 15.04 -20.40 -0.75
CA HIS B 166 14.95 -21.42 0.33
C HIS B 166 13.65 -21.36 1.12
N LYS B 167 12.75 -20.48 0.72
CA LYS B 167 11.41 -20.37 1.30
C LYS B 167 10.30 -20.87 0.37
N PHE B 168 10.67 -21.36 -0.81
CA PHE B 168 9.76 -22.04 -1.73
C PHE B 168 10.15 -23.51 -1.84
N GLN B 169 9.16 -24.40 -1.73
CA GLN B 169 9.39 -25.84 -1.93
C GLN B 169 8.46 -26.37 -3.01
N LEU B 170 9.05 -26.92 -4.06
CA LEU B 170 8.35 -27.31 -5.27
C LEU B 170 8.46 -28.81 -5.47
N GLY B 171 7.35 -29.44 -5.82
CA GLY B 171 7.24 -30.89 -5.91
C GLY B 171 7.21 -31.36 -7.34
N ASN B 172 7.37 -32.66 -7.53
CA ASN B 172 7.34 -33.28 -8.86
C ASN B 172 5.93 -33.17 -9.47
N THR B 173 5.88 -32.69 -10.71
CA THR B 173 4.64 -32.28 -11.39
C THR B 173 3.87 -31.19 -10.63
N GLY B 174 4.59 -30.32 -9.93
CA GLY B 174 4.01 -29.20 -9.21
C GLY B 174 3.71 -28.09 -10.19
N ILE B 175 2.44 -27.66 -10.24
CA ILE B 175 2.02 -26.62 -11.17
C ILE B 175 2.20 -25.25 -10.52
N THR B 176 2.68 -24.30 -11.32
CA THR B 176 2.97 -22.93 -10.90
C THR B 176 2.55 -22.06 -12.07
N THR B 177 1.71 -21.06 -11.80
CA THR B 177 1.07 -20.27 -12.85
C THR B 177 1.25 -18.76 -12.63
N PHE B 178 1.37 -18.04 -13.74
CA PHE B 178 1.45 -16.59 -13.74
C PHE B 178 0.47 -16.02 -14.77
N ILE B 179 -0.01 -14.82 -14.50
CA ILE B 179 -0.66 -13.95 -15.51
C ILE B 179 0.13 -12.64 -15.54
N PHE B 180 -0.30 -11.67 -16.36
CA PHE B 180 0.40 -10.38 -16.47
C PHE B 180 -0.53 -9.17 -16.35
N ARG B 181 -0.82 -8.78 -15.11
CA ARG B 181 -1.67 -7.61 -14.79
C ARG B 181 -0.82 -6.35 -14.63
N HIS B 182 -1.09 -5.36 -15.50
CA HIS B 182 -0.37 -4.07 -15.53
C HIS B 182 0.98 -4.16 -16.30
N GLY B 183 1.12 -5.19 -17.14
CA GLY B 183 2.40 -5.51 -17.81
C GLY B 183 3.33 -6.44 -17.05
N HIS B 184 3.29 -6.39 -15.71
CA HIS B 184 4.17 -7.16 -14.82
C HIS B 184 3.54 -8.48 -14.37
N PRO B 185 4.38 -9.49 -14.04
CA PRO B 185 3.82 -10.82 -13.78
C PRO B 185 3.23 -10.96 -12.39
N VAL B 186 2.11 -11.67 -12.30
CA VAL B 186 1.41 -11.92 -11.04
C VAL B 186 1.26 -13.43 -10.87
N LEU B 187 1.72 -13.94 -9.73
CA LEU B 187 1.61 -15.35 -9.37
C LEU B 187 0.16 -15.70 -9.03
N THR B 188 -0.42 -16.64 -9.78
CA THR B 188 -1.78 -17.11 -9.53
C THR B 188 -1.86 -18.49 -8.86
N SER B 189 -0.79 -19.27 -8.98
CA SER B 189 -0.66 -20.50 -8.19
C SER B 189 0.82 -20.86 -8.08
N PHE B 190 1.16 -21.56 -7.00
CA PHE B 190 2.50 -22.14 -6.85
C PHE B 190 2.42 -23.56 -6.31
N ASN B 191 3.18 -24.47 -6.94
CA ASN B 191 3.29 -25.87 -6.54
C ASN B 191 1.95 -26.55 -6.22
N SER B 192 0.98 -26.35 -7.11
CA SER B 192 -0.30 -27.02 -7.01
C SER B 192 -0.11 -28.48 -7.40
N THR B 193 -0.42 -29.39 -6.46
CA THR B 193 -0.22 -30.84 -6.62
C THR B 193 -1.43 -31.68 -6.16
N GLN B 194 -2.65 -31.14 -6.33
CA GLN B 194 -3.88 -31.87 -5.98
C GLN B 194 -4.22 -33.01 -6.94
N HIS B 195 -3.63 -32.99 -8.13
CA HIS B 195 -3.75 -34.08 -9.12
C HIS B 195 -3.10 -35.42 -8.72
N LEU B 196 -2.23 -35.39 -7.72
CA LEU B 196 -1.50 -36.58 -7.27
C LEU B 196 -2.28 -37.43 -6.25
N LEU B 197 -2.36 -38.73 -6.54
CA LEU B 197 -3.04 -39.70 -5.67
C LEU B 197 -2.03 -40.38 -4.74
N MET C 1 13.03 1.39 44.28
CA MET C 1 11.71 0.89 43.78
C MET C 1 11.40 1.45 42.38
N THR C 2 10.87 0.58 41.50
CA THR C 2 10.46 0.95 40.15
C THR C 2 9.28 1.91 40.17
N LYS C 3 9.40 3.00 39.43
CA LYS C 3 8.36 4.01 39.30
C LYS C 3 8.13 4.31 37.82
N LEU C 4 6.86 4.28 37.40
CA LEU C 4 6.48 4.59 36.02
C LEU C 4 5.66 5.88 35.98
N ILE C 5 6.04 6.80 35.08
CA ILE C 5 5.41 8.12 34.95
C ILE C 5 4.94 8.30 33.50
N LEU C 6 3.63 8.34 33.31
CA LEU C 6 3.04 8.57 31.99
C LEU C 6 2.50 10.00 31.91
N ILE C 7 3.05 10.77 30.96
CA ILE C 7 2.72 12.19 30.78
C ILE C 7 2.14 12.38 29.39
N ARG C 8 0.93 12.93 29.32
CA ARG C 8 0.34 13.30 28.06
C ARG C 8 1.03 14.53 27.47
N ALA C 9 1.08 14.59 26.14
CA ALA C 9 1.71 15.71 25.43
C ALA C 9 0.94 17.02 25.67
N GLY C 10 1.66 18.12 25.50
CA GLY C 10 1.08 19.45 25.65
C GLY C 10 0.01 19.76 24.62
N GLU C 11 -0.69 20.87 24.88
CA GLU C 11 -1.85 21.31 24.11
C GLU C 11 -1.57 21.50 22.63
N THR C 12 -2.63 21.33 21.86
CA THR C 12 -2.64 21.44 20.42
C THR C 12 -3.93 22.20 20.02
N GLU C 13 -3.88 22.85 18.86
CA GLU C 13 -5.03 23.53 18.24
C GLU C 13 -6.23 22.59 18.03
N TRP C 14 -5.95 21.41 17.52
CA TRP C 14 -6.90 20.29 17.40
C TRP C 14 -7.48 19.81 18.73
N ASN C 15 -6.70 19.83 19.81
CA ASN C 15 -7.26 19.60 21.15
C ASN C 15 -8.34 20.63 21.46
N LEU C 16 -8.06 21.91 21.21
CA LEU C 16 -9.00 23.00 21.50
C LEU C 16 -10.30 22.94 20.68
N LEU C 17 -10.19 22.46 19.44
CA LEU C 17 -11.36 22.27 18.56
C LEU C 17 -12.10 20.94 18.77
N GLY C 18 -11.57 20.07 19.63
CA GLY C 18 -12.09 18.72 19.80
C GLY C 18 -12.02 17.89 18.52
N LYS C 19 -10.99 18.14 17.72
CA LYS C 19 -10.72 17.36 16.52
C LYS C 19 -9.81 16.21 16.88
N ILE C 20 -10.21 15.00 16.48
CA ILE C 20 -9.46 13.80 16.77
C ILE C 20 -8.20 13.80 15.90
N GLN C 21 -7.04 13.87 16.57
CA GLN C 21 -5.74 13.85 15.89
C GLN C 21 -5.31 12.44 15.51
N GLY C 22 -5.25 11.56 16.51
CA GLY C 22 -4.68 10.23 16.36
C GLY C 22 -3.21 10.32 15.95
N CYS C 23 -2.87 9.63 14.87
CA CYS C 23 -1.53 9.66 14.27
C CYS C 23 -1.18 10.94 13.48
N THR C 24 -2.15 11.83 13.28
CA THR C 24 -1.90 13.12 12.63
C THR C 24 -0.89 13.92 13.45
N ASP C 25 0.15 14.40 12.78
CA ASP C 25 1.28 15.04 13.46
C ASP C 25 1.08 16.55 13.61
N ILE C 26 0.13 16.92 14.46
CA ILE C 26 -0.14 18.31 14.76
C ILE C 26 0.86 18.83 15.81
N GLU C 27 1.21 20.11 15.68
CA GLU C 27 2.17 20.80 16.53
C GLU C 27 1.55 21.33 17.81
N LEU C 28 2.41 21.71 18.74
CA LEU C 28 1.98 22.38 19.97
C LEU C 28 1.57 23.82 19.67
N THR C 29 0.56 24.28 20.41
CA THR C 29 0.21 25.69 20.49
C THR C 29 1.23 26.38 21.40
N PRO C 30 1.38 27.72 21.30
CA PRO C 30 2.31 28.40 22.21
C PRO C 30 2.02 28.13 23.69
N ASN C 31 0.73 28.03 24.02
CA ASN C 31 0.29 27.61 25.35
C ASN C 31 0.72 26.19 25.71
N GLY C 32 0.53 25.28 24.76
CA GLY C 32 1.01 23.89 24.89
C GLY C 32 2.50 23.75 25.17
N ILE C 33 3.30 24.68 24.63
CA ILE C 33 4.73 24.74 24.94
C ILE C 33 4.94 25.26 26.37
N GLN C 34 4.15 26.25 26.81
CA GLN C 34 4.20 26.74 28.19
C GLN C 34 3.91 25.63 29.19
N GLN C 35 2.90 24.83 28.86
CA GLN C 35 2.56 23.61 29.61
C GLN C 35 3.73 22.63 29.66
N ALA C 36 4.39 22.42 28.52
CA ALA C 36 5.59 21.59 28.44
C ALA C 36 6.70 22.08 29.37
N ASN C 37 6.91 23.40 29.42
CA ASN C 37 7.89 24.00 30.30
C ASN C 37 7.53 23.85 31.77
N GLU C 38 6.26 24.07 32.10
CA GLU C 38 5.77 23.94 33.47
C GLU C 38 5.89 22.50 34.00
N VAL C 39 5.52 21.51 33.19
CA VAL C 39 5.67 20.09 33.59
C VAL C 39 7.14 19.66 33.70
N ALA C 40 7.99 20.20 32.83
CA ALA C 40 9.44 19.99 32.90
C ALA C 40 10.00 20.54 34.20
N GLN C 41 9.63 21.77 34.51
CA GLN C 41 9.99 22.45 35.76
C GLN C 41 9.61 21.69 37.02
N GLN C 42 8.49 20.96 36.98
CA GLN C 42 8.00 20.22 38.14
C GLN C 42 8.75 18.93 38.37
N ILE C 43 9.00 18.21 37.29
CA ILE C 43 9.78 16.97 37.30
C ILE C 43 11.25 17.28 37.68
N LYS C 44 11.76 18.45 37.33
CA LYS C 44 13.11 18.91 37.74
C LYS C 44 14.24 17.92 37.41
N GLY C 45 14.15 17.28 36.24
CA GLY C 45 15.08 16.21 35.87
C GLY C 45 15.10 15.00 36.81
N ASN C 46 14.04 14.81 37.59
CA ASN C 46 13.99 13.80 38.66
C ASN C 46 13.45 12.46 38.09
N PHE C 47 14.29 11.83 37.29
CA PHE C 47 13.99 10.57 36.60
C PHE C 47 15.28 10.01 36.00
N ASP C 48 15.31 8.71 35.78
CA ASP C 48 16.51 8.02 35.26
C ASP C 48 16.56 7.90 33.73
N ILE C 49 15.42 7.62 33.12
CA ILE C 49 15.34 7.41 31.67
C ILE C 49 14.01 8.00 31.17
N ILE C 50 14.04 8.62 29.99
CA ILE C 50 12.83 9.18 29.38
C ILE C 50 12.63 8.62 27.98
N TYR C 51 11.48 7.99 27.78
CA TYR C 51 11.03 7.56 26.46
C TYR C 51 9.97 8.54 25.98
N SER C 52 9.74 8.53 24.67
CA SER C 52 8.76 9.42 24.06
C SER C 52 8.20 8.82 22.78
N SER C 53 6.94 9.14 22.51
CA SER C 53 6.37 9.03 21.18
C SER C 53 7.14 9.93 20.21
N PRO C 54 7.28 9.52 18.94
CA PRO C 54 7.96 10.34 17.93
C PRO C 54 7.11 11.45 17.33
N LEU C 55 5.80 11.47 17.60
CA LEU C 55 4.94 12.56 17.16
C LEU C 55 5.39 13.84 17.84
N HIS C 56 5.28 14.94 17.10
CA HIS C 56 5.91 16.22 17.44
C HIS C 56 5.44 16.79 18.77
N ARG C 57 4.12 16.86 18.95
CA ARG C 57 3.54 17.32 20.23
C ARG C 57 4.11 16.59 21.45
N ALA C 58 4.31 15.28 21.33
CA ALA C 58 4.89 14.47 22.40
C ALA C 58 6.37 14.72 22.54
N LEU C 59 7.06 14.67 21.41
CA LEU C 59 8.51 14.84 21.35
C LEU C 59 8.98 16.17 21.98
N ILE C 60 8.36 17.27 21.58
CA ILE C 60 8.74 18.59 22.12
C ILE C 60 8.54 18.63 23.64
N THR C 61 7.40 18.12 24.10
CA THR C 61 7.13 17.98 25.53
C THR C 61 8.24 17.19 26.23
N ALA C 62 8.65 16.07 25.65
CA ALA C 62 9.73 15.24 26.19
C ALA C 62 11.07 15.96 26.21
N GLN C 63 11.38 16.69 25.14
CA GLN C 63 12.62 17.49 25.07
C GLN C 63 12.74 18.49 26.21
N LYS C 64 11.65 19.20 26.50
CA LYS C 64 11.59 20.15 27.61
C LYS C 64 11.85 19.46 28.97
N ILE C 65 11.17 18.34 29.19
CA ILE C 65 11.35 17.50 30.39
C ILE C 65 12.79 16.96 30.51
N ALA C 66 13.34 16.57 29.37
CA ALA C 66 14.64 15.89 29.32
C ALA C 66 15.83 16.82 29.56
N GLY C 67 15.78 18.00 28.97
CA GLY C 67 16.86 18.98 29.05
C GLY C 67 18.03 18.56 28.19
N ASP C 68 19.12 18.16 28.84
CA ASP C 68 20.32 17.64 28.18
C ASP C 68 20.19 16.15 27.89
N LYS C 69 19.64 15.42 28.88
CA LYS C 69 19.45 13.98 28.79
C LYS C 69 18.75 13.55 27.49
N GLU C 70 19.17 12.40 27.00
CA GLU C 70 18.66 11.77 25.81
C GLU C 70 17.18 11.41 25.93
N VAL C 71 16.49 11.52 24.80
CA VAL C 71 15.09 11.10 24.66
C VAL C 71 15.10 9.82 23.82
N HIS C 72 14.60 8.72 24.38
CA HIS C 72 14.52 7.44 23.66
C HIS C 72 13.20 7.32 22.88
N LEU C 73 13.23 7.62 21.59
CA LEU C 73 12.04 7.48 20.73
C LEU C 73 11.58 6.05 20.57
N ILE C 74 10.29 5.82 20.82
CA ILE C 74 9.69 4.48 20.75
C ILE C 74 8.45 4.58 19.88
N GLU C 75 8.51 3.94 18.71
CA GLU C 75 7.40 3.93 17.76
C GLU C 75 6.15 3.30 18.35
N GLY C 76 6.33 2.28 19.20
CA GLY C 76 5.24 1.69 19.98
C GLY C 76 4.48 2.64 20.91
N MET C 77 5.09 3.77 21.24
CA MET C 77 4.51 4.77 22.15
C MET C 77 3.72 5.87 21.45
N LYS C 78 3.77 5.87 20.12
CA LYS C 78 3.01 6.79 19.26
C LYS C 78 1.52 6.67 19.53
N GLU C 79 0.79 7.77 19.33
CA GLU C 79 -0.65 7.79 19.59
C GLU C 79 -1.34 6.70 18.76
N ILE C 80 -2.30 6.07 19.41
CA ILE C 80 -3.16 5.06 18.80
C ILE C 80 -3.77 5.64 17.51
N PRO C 81 -3.73 4.89 16.40
CA PRO C 81 -4.40 5.39 15.18
C PRO C 81 -5.91 5.41 15.37
N PHE C 82 -6.53 6.52 14.99
CA PHE C 82 -7.99 6.66 14.97
C PHE C 82 -8.57 6.52 13.56
N GLY C 83 -7.71 6.27 12.57
CA GLY C 83 -8.14 5.97 11.21
C GLY C 83 -9.17 6.92 10.62
N THR C 84 -10.31 6.38 10.20
CA THR C 84 -11.40 7.15 9.54
C THR C 84 -11.97 8.30 10.39
N TRP C 85 -11.79 8.20 11.71
CA TRP C 85 -12.21 9.25 12.64
C TRP C 85 -11.25 10.42 12.75
N GLU C 86 -10.01 10.24 12.30
CA GLU C 86 -8.99 11.30 12.37
C GLU C 86 -9.40 12.49 11.49
N GLY C 87 -9.37 13.69 12.08
CA GLY C 87 -9.84 14.91 11.43
C GLY C 87 -11.25 15.35 11.81
N HIS C 88 -12.02 14.44 12.41
CA HIS C 88 -13.39 14.73 12.86
C HIS C 88 -13.45 15.05 14.34
N THR C 89 -14.53 15.71 14.75
CA THR C 89 -14.94 15.78 16.15
C THR C 89 -15.69 14.49 16.51
N PHE C 90 -15.83 14.24 17.81
CA PHE C 90 -16.64 13.11 18.29
C PHE C 90 -18.13 13.33 17.99
N GLU C 91 -18.57 14.60 18.01
CA GLU C 91 -19.95 14.94 17.69
C GLU C 91 -20.33 14.60 16.23
N GLU C 92 -19.36 14.70 15.33
CA GLU C 92 -19.55 14.28 13.92
C GLU C 92 -19.71 12.77 13.71
N LEU C 93 -19.24 11.97 14.67
CA LEU C 93 -19.23 10.49 14.55
C LEU C 93 -20.51 9.77 15.00
N ASN C 94 -21.57 10.52 15.33
CA ASN C 94 -22.81 9.93 15.86
C ASN C 94 -23.43 8.81 15.01
N GLY C 95 -23.41 8.99 13.70
CA GLY C 95 -23.95 8.01 12.77
C GLY C 95 -23.18 6.70 12.69
N ASP C 96 -21.92 6.73 13.07
CA ASP C 96 -21.01 5.60 12.88
C ASP C 96 -21.43 4.43 13.75
N ILE C 97 -21.41 3.24 13.16
CA ILE C 97 -21.78 1.99 13.84
C ILE C 97 -20.67 1.65 14.83
N ASN C 98 -19.41 1.75 14.38
CA ASN C 98 -18.24 1.48 15.23
C ASN C 98 -18.05 2.44 16.40
N TYR C 99 -18.55 3.66 16.26
CA TYR C 99 -18.57 4.64 17.35
C TYR C 99 -19.58 4.28 18.45
N LYS C 100 -20.73 3.75 18.06
CA LYS C 100 -21.71 3.26 19.03
C LYS C 100 -21.15 2.08 19.83
N LYS C 101 -20.44 1.18 19.14
CA LYS C 101 -19.73 0.07 19.77
C LYS C 101 -18.61 0.54 20.72
N PHE C 102 -17.85 1.53 20.25
CA PHE C 102 -16.81 2.23 21.02
C PHE C 102 -17.31 2.74 22.37
N LEU C 103 -18.52 3.28 22.37
CA LEU C 103 -19.20 3.72 23.59
C LEU C 103 -19.80 2.55 24.38
N SER C 104 -20.56 1.70 23.71
CA SER C 104 -21.29 0.60 24.36
C SER C 104 -20.41 -0.44 25.09
N GLY C 105 -19.28 -0.79 24.47
CA GLY C 105 -18.47 -1.93 24.92
C GLY C 105 -18.33 -3.03 23.89
N GLU C 106 -19.20 -3.02 22.87
CA GLU C 106 -19.20 -4.02 21.79
C GLU C 106 -17.85 -4.17 21.07
N ASP C 107 -17.41 -5.42 20.88
CA ASP C 107 -16.14 -5.77 20.19
C ASP C 107 -14.87 -5.18 20.86
N GLY C 108 -14.91 -5.03 22.18
CA GLY C 108 -13.83 -4.39 22.94
C GLY C 108 -13.63 -2.90 22.69
N CYS C 109 -14.68 -2.23 22.21
CA CYS C 109 -14.66 -0.80 21.83
C CYS C 109 -13.72 -0.49 20.66
N PRO C 110 -14.12 -0.82 19.40
CA PRO C 110 -13.27 -0.61 18.23
C PRO C 110 -12.87 0.85 18.00
N PHE C 111 -11.61 1.06 17.60
CA PHE C 111 -11.13 2.36 17.13
C PHE C 111 -11.34 2.46 15.63
N ASP C 112 -12.41 3.15 15.23
CA ASP C 112 -12.76 3.38 13.81
C ASP C 112 -12.76 2.06 13.07
N SER C 113 -12.11 2.02 11.91
CA SER C 113 -11.88 0.77 11.19
C SER C 113 -10.38 0.50 11.16
N THR C 114 -9.73 0.62 12.32
CA THR C 114 -8.29 0.39 12.44
C THR C 114 -7.96 -1.09 12.61
N GLY C 115 -8.96 -1.87 12.99
CA GLY C 115 -8.76 -3.29 13.30
C GLY C 115 -8.25 -3.55 14.71
N MET C 116 -8.15 -2.49 15.53
CA MET C 116 -7.79 -2.59 16.92
C MET C 116 -8.84 -1.87 17.76
N SER C 117 -8.72 -2.03 19.07
CA SER C 117 -9.75 -1.58 20.01
C SER C 117 -9.15 -1.12 21.33
N ILE C 118 -10.00 -0.53 22.18
CA ILE C 118 -9.62 -0.22 23.57
C ILE C 118 -9.09 -1.47 24.26
N ALA C 119 -9.76 -2.59 24.04
CA ALA C 119 -9.37 -3.88 24.63
C ALA C 119 -7.98 -4.32 24.19
N SER C 120 -7.74 -4.37 22.88
CA SER C 120 -6.47 -4.85 22.34
C SER C 120 -5.31 -3.88 22.62
N TRP C 121 -5.57 -2.58 22.49
CA TRP C 121 -4.57 -1.57 22.82
C TRP C 121 -4.15 -1.64 24.30
N SER C 122 -5.11 -1.93 25.17
CA SER C 122 -4.82 -2.07 26.59
C SER C 122 -3.79 -3.15 26.85
N LYS C 123 -4.06 -4.34 26.33
CA LYS C 123 -3.16 -5.50 26.48
C LYS C 123 -1.77 -5.24 25.87
N LYS C 124 -1.76 -4.65 24.68
CA LYS C 124 -0.54 -4.36 23.94
C LYS C 124 0.33 -3.31 24.63
N ASN C 125 -0.26 -2.18 24.96
CA ASN C 125 0.43 -1.09 25.64
C ASN C 125 0.88 -1.48 27.05
N ALA C 126 0.01 -2.17 27.79
CA ALA C 126 0.38 -2.75 29.09
C ALA C 126 1.57 -3.70 28.98
N GLN C 127 1.59 -4.52 27.92
CA GLN C 127 2.69 -5.44 27.71
C GLN C 127 4.00 -4.69 27.46
N LEU C 128 3.92 -3.66 26.62
CA LEU C 128 5.06 -2.79 26.32
C LEU C 128 5.65 -2.16 27.57
N LEU C 129 4.77 -1.57 28.38
CA LEU C 129 5.17 -0.87 29.60
C LEU C 129 5.81 -1.79 30.62
N LEU C 130 5.25 -2.99 30.80
CA LEU C 130 5.83 -3.98 31.72
C LEU C 130 7.23 -4.43 31.27
N ASP C 131 7.41 -4.63 29.97
CA ASP C 131 8.73 -4.94 29.38
C ASP C 131 9.75 -3.82 29.55
N LEU C 132 9.29 -2.57 29.44
CA LEU C 132 10.15 -1.41 29.69
C LEU C 132 10.58 -1.37 31.14
N CYS C 133 9.60 -1.51 32.03
CA CYS C 133 9.84 -1.57 33.48
C CYS C 133 10.86 -2.65 33.88
N LYS C 134 10.80 -3.81 33.22
CA LYS C 134 11.75 -4.90 33.45
C LYS C 134 13.16 -4.50 32.98
N GLN C 135 13.26 -4.03 31.73
CA GLN C 135 14.46 -3.35 31.18
C GLN C 135 15.12 -2.31 32.10
N ASN C 136 14.30 -1.60 32.86
CA ASN C 136 14.73 -0.51 33.78
C ASN C 136 14.31 -0.75 35.23
N GLU C 137 14.49 -1.97 35.70
CA GLU C 137 14.06 -2.37 37.05
C GLU C 137 14.73 -1.47 38.10
N ASN C 138 13.93 -1.01 39.06
CA ASN C 138 14.35 -0.06 40.13
C ASN C 138 14.80 1.32 39.66
N LYS C 139 14.26 1.77 38.53
CA LYS C 139 14.48 3.14 38.05
C LYS C 139 13.13 3.86 37.90
N THR C 140 13.22 5.17 37.77
CA THR C 140 12.08 6.05 37.55
C THR C 140 11.98 6.32 36.05
N ILE C 141 10.94 5.78 35.43
CA ILE C 141 10.79 5.79 33.98
C ILE C 141 9.72 6.81 33.60
N VAL C 142 10.08 7.72 32.70
CA VAL C 142 9.17 8.75 32.20
C VAL C 142 8.80 8.41 30.76
N CYS C 143 7.49 8.38 30.48
CA CYS C 143 6.99 8.14 29.12
C CYS C 143 6.09 9.26 28.72
N VAL C 144 6.51 10.01 27.71
CA VAL C 144 5.68 11.05 27.12
C VAL C 144 4.92 10.41 25.97
N SER C 145 3.59 10.46 26.07
CA SER C 145 2.71 9.87 25.06
C SER C 145 1.40 10.64 25.07
N HIS C 146 0.36 10.00 24.51
CA HIS C 146 -0.90 10.66 24.24
C HIS C 146 -2.07 10.12 25.03
N GLY C 147 -3.22 10.80 24.91
CA GLY C 147 -4.41 10.54 25.72
C GLY C 147 -4.94 9.13 25.62
N ALA C 148 -5.35 8.75 24.41
CA ALA C 148 -5.84 7.40 24.15
C ALA C 148 -4.79 6.35 24.47
N TRP C 149 -3.55 6.60 24.07
CA TRP C 149 -2.43 5.69 24.37
C TRP C 149 -2.24 5.46 25.88
N ILE C 150 -2.30 6.55 26.64
CA ILE C 150 -2.10 6.48 28.09
C ILE C 150 -3.31 5.85 28.78
N LYS C 151 -4.50 6.30 28.42
CA LYS C 151 -5.74 5.77 29.01
C LYS C 151 -5.91 4.28 28.82
N THR C 152 -5.59 3.78 27.62
CA THR C 152 -5.56 2.34 27.35
C THR C 152 -4.48 1.63 28.18
N SER C 153 -3.32 2.26 28.33
CA SER C 153 -2.27 1.74 29.22
C SER C 153 -2.77 1.53 30.66
N ILE C 154 -3.54 2.48 31.17
CA ILE C 154 -4.06 2.44 32.53
C ILE C 154 -4.99 1.24 32.68
N LEU C 155 -5.99 1.17 31.81
CA LEU C 155 -6.91 0.02 31.74
C LEU C 155 -6.18 -1.31 31.63
N GLY C 156 -5.14 -1.34 30.82
CA GLY C 156 -4.35 -2.55 30.61
C GLY C 156 -3.59 -2.99 31.85
N LEU C 157 -2.83 -2.07 32.44
CA LEU C 157 -2.05 -2.34 33.66
C LEU C 157 -2.92 -2.71 34.87
N LEU C 158 -4.07 -2.04 35.00
CA LEU C 158 -5.00 -2.27 36.12
C LEU C 158 -6.07 -3.33 35.82
N GLU C 159 -6.12 -3.78 34.57
CA GLU C 159 -6.99 -4.89 34.11
C GLU C 159 -8.46 -4.54 34.21
N MET C 160 -8.83 -3.48 33.49
CA MET C 160 -10.16 -2.87 33.57
C MET C 160 -10.96 -3.08 32.29
N GLU C 161 -12.29 -3.06 32.42
CA GLU C 161 -13.22 -3.15 31.28
C GLU C 161 -12.93 -1.96 30.34
N PRO C 162 -12.89 -2.21 29.01
CA PRO C 162 -12.71 -1.17 27.99
C PRO C 162 -13.59 0.10 28.11
N THR C 163 -14.83 -0.06 28.56
CA THR C 163 -15.75 1.07 28.75
C THR C 163 -15.34 2.03 29.87
N MET C 164 -14.48 1.58 30.79
CA MET C 164 -13.87 2.46 31.80
C MET C 164 -13.05 3.60 31.19
N TYR C 165 -12.51 3.40 29.99
CA TYR C 165 -11.89 4.47 29.16
C TYR C 165 -12.68 5.80 29.18
N HIS C 166 -14.01 5.72 29.17
CA HIS C 166 -14.86 6.92 29.10
C HIS C 166 -15.10 7.60 30.45
N LYS C 167 -14.62 6.98 31.52
CA LYS C 167 -14.71 7.52 32.88
C LYS C 167 -13.44 8.22 33.36
N PHE C 168 -12.33 8.05 32.63
CA PHE C 168 -11.10 8.81 32.86
C PHE C 168 -11.03 9.97 31.87
N GLN C 169 -10.72 11.14 32.39
CA GLN C 169 -10.43 12.33 31.57
C GLN C 169 -9.03 12.83 31.91
N LEU C 170 -8.20 12.93 30.89
CA LEU C 170 -6.77 13.17 31.03
C LEU C 170 -6.40 14.45 30.30
N GLY C 171 -5.67 15.33 30.98
CA GLY C 171 -5.34 16.65 30.47
C GLY C 171 -3.97 16.67 29.81
N ASN C 172 -3.73 17.74 29.05
CA ASN C 172 -2.43 18.01 28.46
C ASN C 172 -1.36 18.24 29.54
N THR C 173 -0.26 17.52 29.41
CA THR C 173 0.80 17.42 30.44
C THR C 173 0.31 16.84 31.77
N GLY C 174 -0.76 16.05 31.71
CA GLY C 174 -1.31 15.41 32.91
C GLY C 174 -0.47 14.22 33.33
N ILE C 175 0.05 14.29 34.55
CA ILE C 175 0.93 13.25 35.10
C ILE C 175 0.09 12.12 35.66
N THR C 176 0.50 10.90 35.35
CA THR C 176 -0.16 9.67 35.82
C THR C 176 0.98 8.75 36.21
N THR C 177 0.92 8.19 37.42
CA THR C 177 2.04 7.40 37.96
C THR C 177 1.62 6.01 38.45
N PHE C 178 2.58 5.10 38.38
CA PHE C 178 2.40 3.70 38.80
C PHE C 178 3.59 3.22 39.62
N ILE C 179 3.33 2.25 40.47
CA ILE C 179 4.37 1.46 41.15
C ILE C 179 3.96 0.00 41.13
N PHE C 180 4.88 -0.89 41.49
CA PHE C 180 4.63 -2.35 41.40
C PHE C 180 4.64 -3.04 42.76
N ARG C 181 3.52 -2.87 43.47
CA ARG C 181 3.24 -3.51 44.76
C ARG C 181 2.59 -4.87 44.53
N HIS C 182 3.11 -5.90 45.20
CA HIS C 182 2.60 -7.29 45.13
C HIS C 182 2.67 -7.86 43.70
N GLY C 183 3.80 -7.61 43.03
CA GLY C 183 3.99 -7.95 41.61
C GLY C 183 2.90 -7.53 40.61
N HIS C 184 2.04 -6.60 41.01
CA HIS C 184 0.96 -6.06 40.18
C HIS C 184 1.11 -4.54 40.20
N PRO C 185 0.72 -3.85 39.11
CA PRO C 185 0.91 -2.40 39.15
C PRO C 185 -0.21 -1.71 39.91
N VAL C 186 0.14 -0.63 40.59
CA VAL C 186 -0.77 0.12 41.45
C VAL C 186 -0.70 1.60 41.06
N LEU C 187 -1.86 2.18 40.75
CA LEU C 187 -1.97 3.58 40.36
C LEU C 187 -1.74 4.47 41.59
N THR C 188 -0.70 5.32 41.55
CA THR C 188 -0.41 6.27 42.64
C THR C 188 -0.91 7.70 42.38
N SER C 189 -1.03 8.08 41.11
CA SER C 189 -1.69 9.33 40.72
C SER C 189 -2.25 9.23 39.32
N PHE C 190 -3.34 9.95 39.07
CA PHE C 190 -3.88 10.09 37.72
C PHE C 190 -4.16 11.56 37.41
N ASN C 191 -3.74 11.99 36.23
CA ASN C 191 -3.95 13.35 35.71
C ASN C 191 -3.68 14.49 36.69
N SER C 192 -2.57 14.40 37.41
CA SER C 192 -2.10 15.49 38.25
C SER C 192 -1.67 16.65 37.35
N THR C 193 -2.38 17.77 37.43
CA THR C 193 -2.06 19.00 36.66
C THR C 193 -1.86 20.22 37.56
N GLN C 194 -1.39 20.01 38.79
CA GLN C 194 -1.11 21.11 39.74
C GLN C 194 0.02 22.05 39.30
N HIS C 195 0.95 21.53 38.51
CA HIS C 195 2.01 22.32 37.88
C HIS C 195 1.52 23.38 36.88
N LEU C 196 0.29 23.23 36.42
CA LEU C 196 -0.30 24.16 35.46
C LEU C 196 -0.91 25.39 36.14
N LEU C 197 -0.39 26.54 35.72
CA LEU C 197 -1.01 27.84 35.96
C LEU C 197 -2.00 28.09 34.83
N THR C 198 -2.74 29.20 34.90
CA THR C 198 -3.75 29.53 33.89
C THR C 198 -3.51 30.94 33.33
N MET D 1 -12.49 47.30 -33.08
CA MET D 1 -12.51 45.80 -33.16
C MET D 1 -12.21 45.13 -31.80
N THR D 2 -12.82 43.98 -31.55
CA THR D 2 -12.64 43.25 -30.29
C THR D 2 -11.25 42.60 -30.22
N LYS D 3 -10.49 42.93 -29.17
CA LYS D 3 -9.15 42.38 -28.93
C LYS D 3 -9.08 41.81 -27.52
N LEU D 4 -8.69 40.53 -27.41
CA LEU D 4 -8.53 39.86 -26.12
C LEU D 4 -7.06 39.63 -25.81
N ILE D 5 -6.64 39.97 -24.59
CA ILE D 5 -5.25 39.86 -24.14
C ILE D 5 -5.22 39.02 -22.86
N LEU D 6 -4.59 37.85 -22.94
CA LEU D 6 -4.41 36.95 -21.80
C LEU D 6 -2.96 36.99 -21.33
N ILE D 7 -2.78 37.40 -20.07
CA ILE D 7 -1.47 37.59 -19.46
C ILE D 7 -1.35 36.67 -18.25
N ARG D 8 -0.30 35.86 -18.21
CA ARG D 8 -0.04 34.99 -17.07
C ARG D 8 0.53 35.80 -15.91
N ALA D 9 0.21 35.38 -14.70
CA ALA D 9 0.68 36.03 -13.50
C ALA D 9 2.20 35.96 -13.35
N GLY D 10 2.73 36.80 -12.47
CA GLY D 10 4.16 36.88 -12.23
C GLY D 10 4.73 35.66 -11.52
N GLU D 11 6.06 35.62 -11.45
CA GLU D 11 6.78 34.55 -10.76
C GLU D 11 6.50 34.49 -9.25
N THR D 12 6.41 33.27 -8.74
CA THR D 12 6.32 32.96 -7.32
C THR D 12 7.47 32.01 -6.97
N GLU D 13 7.65 31.76 -5.67
CA GLU D 13 8.63 30.77 -5.19
C GLU D 13 8.30 29.38 -5.72
N TRP D 14 7.01 29.05 -5.78
CA TRP D 14 6.54 27.74 -6.22
C TRP D 14 6.82 27.45 -7.69
N ASN D 15 6.70 28.48 -8.53
CA ASN D 15 7.13 28.40 -9.93
C ASN D 15 8.62 28.05 -10.04
N LEU D 16 9.45 28.68 -9.19
CA LEU D 16 10.89 28.39 -9.12
C LEU D 16 11.20 26.97 -8.69
N LEU D 17 10.42 26.45 -7.74
CA LEU D 17 10.59 25.08 -7.26
C LEU D 17 9.82 24.02 -8.08
N GLY D 18 9.34 24.40 -9.27
CA GLY D 18 8.49 23.55 -10.11
C GLY D 18 7.27 22.95 -9.42
N LYS D 19 6.77 23.67 -8.42
CA LYS D 19 5.72 23.19 -7.51
C LYS D 19 4.39 23.64 -8.06
N ILE D 20 3.47 22.70 -8.23
CA ILE D 20 2.15 23.00 -8.78
C ILE D 20 1.35 23.78 -7.73
N GLN D 21 1.00 25.02 -8.04
CA GLN D 21 0.20 25.86 -7.14
C GLN D 21 -1.27 25.46 -7.23
N GLY D 22 -1.82 25.61 -8.42
CA GLY D 22 -3.26 25.49 -8.63
C GLY D 22 -3.97 26.61 -7.88
N CYS D 23 -4.95 26.24 -7.06
CA CYS D 23 -5.68 27.18 -6.21
C CYS D 23 -4.92 27.81 -5.03
N THR D 24 -3.80 27.22 -4.58
CA THR D 24 -3.12 27.72 -3.38
C THR D 24 -2.63 29.14 -3.65
N ASP D 25 -2.84 30.04 -2.68
CA ASP D 25 -2.65 31.49 -2.89
C ASP D 25 -1.23 31.97 -2.57
N ILE D 26 -0.28 31.57 -3.40
CA ILE D 26 1.12 31.94 -3.23
C ILE D 26 1.38 33.36 -3.74
N GLU D 27 2.26 34.07 -3.03
CA GLU D 27 2.63 35.45 -3.35
C GLU D 27 3.79 35.53 -4.35
N LEU D 28 3.97 36.72 -4.92
CA LEU D 28 5.02 36.95 -5.90
C LEU D 28 6.37 37.04 -5.20
N THR D 29 7.42 36.55 -5.89
CA THR D 29 8.80 36.85 -5.52
C THR D 29 9.08 38.33 -5.85
N PRO D 30 10.21 38.88 -5.36
CA PRO D 30 10.58 40.24 -5.80
C PRO D 30 10.77 40.33 -7.33
N ASN D 31 11.25 39.24 -7.94
CA ASN D 31 11.38 39.16 -9.40
C ASN D 31 10.02 39.09 -10.10
N GLY D 32 9.07 38.37 -9.52
CA GLY D 32 7.69 38.37 -10.02
C GLY D 32 7.10 39.76 -10.12
N ILE D 33 7.36 40.60 -9.12
CA ILE D 33 6.92 42.00 -9.10
C ILE D 33 7.64 42.79 -10.20
N GLN D 34 8.94 42.59 -10.32
CA GLN D 34 9.72 43.20 -11.40
C GLN D 34 9.07 42.94 -12.77
N GLN D 35 8.76 41.68 -13.04
CA GLN D 35 8.05 41.24 -14.28
C GLN D 35 6.71 41.94 -14.47
N ALA D 36 5.91 41.96 -13.40
CA ALA D 36 4.62 42.65 -13.34
C ALA D 36 4.70 44.13 -13.72
N ASN D 37 5.75 44.81 -13.24
CA ASN D 37 6.05 46.19 -13.63
C ASN D 37 6.52 46.30 -15.08
N GLU D 38 7.34 45.35 -15.51
CA GLU D 38 7.86 45.29 -16.88
C GLU D 38 6.77 45.02 -17.94
N VAL D 39 5.81 44.15 -17.63
CA VAL D 39 4.67 43.94 -18.54
C VAL D 39 3.69 45.12 -18.48
N ALA D 40 3.50 45.71 -17.30
CA ALA D 40 2.70 46.93 -17.14
C ALA D 40 3.21 48.08 -18.01
N GLN D 41 4.54 48.23 -18.01
CA GLN D 41 5.26 49.15 -18.90
C GLN D 41 4.98 48.92 -20.38
N GLN D 42 5.09 47.65 -20.80
CA GLN D 42 4.86 47.25 -22.19
C GLN D 42 3.46 47.62 -22.64
N ILE D 43 2.46 47.17 -21.88
CA ILE D 43 1.04 47.45 -22.16
C ILE D 43 0.83 48.96 -22.12
N LYS D 44 1.18 49.59 -21.01
CA LYS D 44 1.10 51.06 -20.85
C LYS D 44 -0.32 51.61 -20.97
N GLY D 45 -1.23 51.08 -20.14
CA GLY D 45 -2.64 51.51 -20.11
C GLY D 45 -3.44 51.32 -21.40
N ASN D 46 -2.90 50.53 -22.33
CA ASN D 46 -3.39 50.44 -23.71
C ASN D 46 -4.49 49.38 -23.86
N PHE D 47 -5.56 49.60 -23.12
CA PHE D 47 -6.67 48.67 -23.03
C PHE D 47 -7.85 49.43 -22.45
N ASP D 48 -9.05 48.86 -22.59
CA ASP D 48 -10.26 49.53 -22.14
C ASP D 48 -10.72 49.05 -20.77
N ILE D 49 -10.71 47.74 -20.55
CA ILE D 49 -11.10 47.15 -19.27
C ILE D 49 -10.12 46.02 -18.92
N ILE D 50 -9.89 45.82 -17.63
CA ILE D 50 -8.97 44.79 -17.14
C ILE D 50 -9.67 43.93 -16.10
N TYR D 51 -9.59 42.61 -16.31
CA TYR D 51 -10.11 41.62 -15.38
C TYR D 51 -8.92 40.84 -14.82
N SER D 52 -9.15 40.20 -13.68
CA SER D 52 -8.13 39.39 -13.03
C SER D 52 -8.72 38.24 -12.25
N SER D 53 -7.97 37.15 -12.20
CA SER D 53 -8.15 36.16 -11.16
C SER D 53 -8.00 36.82 -9.77
N PRO D 54 -8.73 36.29 -8.76
CA PRO D 54 -8.66 36.84 -7.38
C PRO D 54 -7.41 36.43 -6.59
N LEU D 55 -6.71 35.41 -7.05
CA LEU D 55 -5.46 34.98 -6.44
C LEU D 55 -4.41 36.09 -6.55
N HIS D 56 -3.62 36.24 -5.50
CA HIS D 56 -2.78 37.43 -5.29
C HIS D 56 -1.71 37.59 -6.35
N ARG D 57 -1.10 36.49 -6.77
CA ARG D 57 -0.08 36.52 -7.82
C ARG D 57 -0.61 37.11 -9.14
N ALA D 58 -1.86 36.79 -9.46
CA ALA D 58 -2.54 37.39 -10.61
C ALA D 58 -2.95 38.82 -10.32
N LEU D 59 -3.66 39.02 -9.21
CA LEU D 59 -4.21 40.33 -8.85
C LEU D 59 -3.16 41.45 -8.74
N ILE D 60 -2.05 41.19 -8.06
CA ILE D 60 -0.96 42.19 -7.98
C ILE D 60 -0.43 42.53 -9.38
N THR D 61 -0.26 41.52 -10.23
CA THR D 61 0.18 41.72 -11.61
C THR D 61 -0.81 42.63 -12.36
N ALA D 62 -2.09 42.31 -12.24
CA ALA D 62 -3.16 43.12 -12.82
C ALA D 62 -3.18 44.58 -12.32
N GLN D 63 -3.00 44.78 -11.01
CA GLN D 63 -2.92 46.13 -10.42
C GLN D 63 -1.78 46.98 -10.95
N LYS D 64 -0.61 46.36 -11.20
CA LYS D 64 0.52 47.04 -11.86
C LYS D 64 0.12 47.48 -13.27
N ILE D 65 -0.44 46.54 -14.03
CA ILE D 65 -0.92 46.76 -15.40
C ILE D 65 -2.03 47.82 -15.45
N ALA D 66 -2.97 47.70 -14.53
CA ALA D 66 -4.14 48.58 -14.47
C ALA D 66 -3.80 50.05 -14.22
N GLY D 67 -2.81 50.28 -13.36
CA GLY D 67 -2.44 51.62 -12.93
C GLY D 67 -3.61 52.33 -12.27
N ASP D 68 -4.27 53.19 -13.04
CA ASP D 68 -5.41 54.00 -12.55
C ASP D 68 -6.75 53.28 -12.57
N LYS D 69 -6.96 52.41 -13.56
CA LYS D 69 -8.25 51.72 -13.70
C LYS D 69 -8.52 50.72 -12.59
N GLU D 70 -9.79 50.33 -12.49
CA GLU D 70 -10.22 49.31 -11.56
C GLU D 70 -9.91 47.92 -12.15
N VAL D 71 -9.44 47.02 -11.28
CA VAL D 71 -9.25 45.62 -11.63
C VAL D 71 -10.51 44.84 -11.21
N HIS D 72 -11.24 44.36 -12.21
CA HIS D 72 -12.51 43.67 -11.98
C HIS D 72 -12.30 42.16 -11.73
N LEU D 73 -12.42 41.75 -10.48
CA LEU D 73 -12.24 40.33 -10.10
C LEU D 73 -13.26 39.45 -10.80
N ILE D 74 -12.81 38.26 -11.19
CA ILE D 74 -13.66 37.24 -11.79
C ILE D 74 -13.23 35.91 -11.18
N GLU D 75 -14.12 35.31 -10.38
CA GLU D 75 -13.83 34.05 -9.68
C GLU D 75 -13.62 32.87 -10.63
N GLY D 76 -14.36 32.86 -11.75
CA GLY D 76 -14.15 31.89 -12.84
C GLY D 76 -12.76 31.89 -13.48
N MET D 77 -12.03 32.99 -13.30
CA MET D 77 -10.70 33.19 -13.88
C MET D 77 -9.57 32.67 -12.98
N LYS D 78 -9.90 32.34 -11.73
CA LYS D 78 -8.97 31.71 -10.78
C LYS D 78 -8.34 30.46 -11.38
N GLU D 79 -7.06 30.24 -11.09
CA GLU D 79 -6.33 29.09 -11.63
C GLU D 79 -7.11 27.80 -11.41
N ILE D 80 -6.98 26.91 -12.37
CA ILE D 80 -7.58 25.60 -12.33
C ILE D 80 -7.13 24.90 -11.05
N PRO D 81 -8.07 24.28 -10.30
CA PRO D 81 -7.63 23.46 -9.16
C PRO D 81 -6.97 22.19 -9.65
N PHE D 82 -5.78 21.91 -9.12
CA PHE D 82 -5.04 20.67 -9.40
C PHE D 82 -5.24 19.62 -8.31
N GLY D 83 -6.06 19.94 -7.29
CA GLY D 83 -6.40 19.02 -6.19
C GLY D 83 -5.24 18.29 -5.52
N THR D 84 -5.22 16.96 -5.70
CA THR D 84 -4.18 16.07 -5.17
C THR D 84 -2.76 16.55 -5.47
N TRP D 85 -2.56 17.00 -6.70
CA TRP D 85 -1.24 17.36 -7.21
C TRP D 85 -0.67 18.65 -6.65
N GLU D 86 -1.53 19.54 -6.17
CA GLU D 86 -1.07 20.83 -5.62
C GLU D 86 -0.04 20.60 -4.51
N GLY D 87 1.10 21.28 -4.64
CA GLY D 87 2.25 21.07 -3.74
C GLY D 87 3.35 20.14 -4.28
N HIS D 88 3.03 19.32 -5.27
CA HIS D 88 4.02 18.39 -5.85
C HIS D 88 4.64 18.96 -7.11
N THR D 89 5.81 18.44 -7.46
CA THR D 89 6.39 18.63 -8.80
C THR D 89 5.74 17.63 -9.76
N PHE D 90 5.96 17.84 -11.06
CA PHE D 90 5.45 16.91 -12.09
C PHE D 90 6.22 15.58 -12.14
N GLU D 91 7.45 15.59 -11.62
CA GLU D 91 8.30 14.40 -11.56
C GLU D 91 7.76 13.45 -10.46
N GLU D 92 7.37 14.04 -9.32
CA GLU D 92 6.80 13.30 -8.17
C GLU D 92 5.45 12.61 -8.45
N LEU D 93 4.82 12.99 -9.55
CA LEU D 93 3.64 12.29 -10.08
C LEU D 93 4.13 11.56 -11.34
N ASN D 94 4.47 10.28 -11.18
CA ASN D 94 4.87 9.41 -12.29
C ASN D 94 3.99 8.18 -12.37
N GLY D 95 3.81 7.53 -11.22
CA GLY D 95 2.87 6.41 -11.08
C GLY D 95 1.42 6.77 -10.84
N ASP D 96 1.04 8.04 -11.03
CA ASP D 96 -0.36 8.44 -10.88
C ASP D 96 -1.12 8.03 -12.15
N ILE D 97 -2.10 7.15 -11.98
CA ILE D 97 -2.94 6.67 -13.07
C ILE D 97 -3.61 7.83 -13.82
N ASN D 98 -4.03 8.84 -13.08
CA ASN D 98 -4.61 10.06 -13.67
C ASN D 98 -3.60 10.94 -14.43
N TYR D 99 -2.34 10.96 -13.96
CA TYR D 99 -1.27 11.70 -14.64
C TYR D 99 -0.86 11.08 -15.98
N LYS D 100 -0.86 9.75 -16.04
CA LYS D 100 -0.63 9.03 -17.29
C LYS D 100 -1.72 9.36 -18.31
N LYS D 101 -2.96 9.43 -17.84
CA LYS D 101 -4.10 9.88 -18.65
C LYS D 101 -3.97 11.35 -19.09
N PHE D 102 -3.58 12.20 -18.14
CA PHE D 102 -3.29 13.64 -18.36
C PHE D 102 -2.31 13.89 -19.53
N LEU D 103 -1.29 13.05 -19.64
CA LEU D 103 -0.34 13.07 -20.76
C LEU D 103 -0.89 12.37 -22.01
N SER D 104 -1.37 11.14 -21.82
CA SER D 104 -1.90 10.29 -22.88
C SER D 104 -3.07 10.90 -23.66
N GLY D 105 -3.92 11.66 -22.97
CA GLY D 105 -5.16 12.17 -23.54
C GLY D 105 -6.39 11.36 -23.13
N GLU D 106 -6.21 10.42 -22.21
CA GLU D 106 -7.28 9.53 -21.77
C GLU D 106 -8.28 10.28 -20.91
N ASP D 107 -9.56 10.13 -21.22
CA ASP D 107 -10.67 10.76 -20.47
C ASP D 107 -10.61 12.30 -20.46
N GLY D 108 -10.09 12.86 -21.56
CA GLY D 108 -9.93 14.33 -21.72
C GLY D 108 -8.78 14.98 -20.96
N CYS D 109 -7.79 14.19 -20.53
CA CYS D 109 -6.69 14.63 -19.66
C CYS D 109 -7.14 15.13 -18.26
N PRO D 110 -7.48 14.18 -17.35
CA PRO D 110 -8.00 14.59 -16.04
C PRO D 110 -6.98 15.35 -15.18
N PHE D 111 -7.48 16.38 -14.48
CA PHE D 111 -6.69 17.13 -13.51
C PHE D 111 -6.76 16.45 -12.14
N ASP D 112 -5.84 15.52 -11.92
CA ASP D 112 -5.73 14.78 -10.66
C ASP D 112 -7.08 14.15 -10.35
N SER D 113 -7.67 14.49 -9.20
CA SER D 113 -8.97 13.95 -8.78
C SER D 113 -9.94 15.09 -8.48
N THR D 114 -9.98 16.06 -9.39
CA THR D 114 -10.88 17.22 -9.29
C THR D 114 -12.23 16.97 -9.98
N GLY D 115 -12.32 15.86 -10.74
CA GLY D 115 -13.50 15.56 -11.55
C GLY D 115 -13.64 16.45 -12.78
N MET D 116 -12.52 17.06 -13.20
CA MET D 116 -12.48 17.99 -14.31
C MET D 116 -11.17 17.76 -15.07
N SER D 117 -11.14 18.25 -16.31
CA SER D 117 -10.09 17.90 -17.26
C SER D 117 -9.69 19.07 -18.16
N ILE D 118 -8.60 18.87 -18.91
CA ILE D 118 -8.20 19.81 -19.95
C ILE D 118 -9.38 20.01 -20.93
N ALA D 119 -10.04 18.91 -21.30
CA ALA D 119 -11.20 18.94 -22.20
C ALA D 119 -12.36 19.81 -21.69
N SER D 120 -12.70 19.65 -20.41
CA SER D 120 -13.83 20.36 -19.80
C SER D 120 -13.50 21.83 -19.51
N TRP D 121 -12.33 22.06 -18.90
CA TRP D 121 -11.85 23.43 -18.63
C TRP D 121 -11.73 24.26 -19.91
N SER D 122 -11.32 23.63 -21.01
CA SER D 122 -11.20 24.28 -22.32
C SER D 122 -12.53 24.85 -22.81
N LYS D 123 -13.58 24.04 -22.76
CA LYS D 123 -14.94 24.46 -23.11
C LYS D 123 -15.41 25.59 -22.21
N LYS D 124 -15.31 25.35 -20.90
CA LYS D 124 -15.78 26.28 -19.87
C LYS D 124 -15.10 27.65 -19.98
N ASN D 125 -13.77 27.66 -19.95
CA ASN D 125 -12.99 28.89 -20.04
C ASN D 125 -13.17 29.63 -21.38
N ALA D 126 -13.29 28.87 -22.47
CA ALA D 126 -13.65 29.45 -23.77
C ALA D 126 -14.98 30.17 -23.68
N GLN D 127 -15.98 29.46 -23.15
CA GLN D 127 -17.34 30.00 -22.97
C GLN D 127 -17.38 31.32 -22.16
N LEU D 128 -16.62 31.35 -21.07
CA LEU D 128 -16.46 32.55 -20.26
C LEU D 128 -15.88 33.69 -21.09
N LEU D 129 -14.76 33.42 -21.74
CA LEU D 129 -14.05 34.43 -22.52
C LEU D 129 -14.88 34.96 -23.68
N LEU D 130 -15.67 34.09 -24.31
CA LEU D 130 -16.61 34.52 -25.36
C LEU D 130 -17.74 35.42 -24.80
N ASP D 131 -18.25 35.09 -23.60
CA ASP D 131 -19.25 35.95 -22.93
C ASP D 131 -18.70 37.31 -22.55
N LEU D 132 -17.48 37.33 -22.01
CA LEU D 132 -16.78 38.58 -21.71
C LEU D 132 -16.63 39.46 -22.94
N CYS D 133 -16.15 38.86 -24.03
CA CYS D 133 -15.92 39.57 -25.29
C CYS D 133 -17.21 40.14 -25.91
N LYS D 134 -18.32 39.41 -25.78
CA LYS D 134 -19.66 39.94 -26.11
C LYS D 134 -19.95 41.18 -25.27
N GLN D 135 -19.87 41.00 -23.95
CA GLN D 135 -20.09 42.05 -22.96
C GLN D 135 -19.32 43.35 -23.26
N ASN D 136 -18.10 43.21 -23.78
CA ASN D 136 -17.24 44.36 -24.11
C ASN D 136 -16.84 44.38 -25.57
N GLU D 137 -17.82 44.13 -26.45
CA GLU D 137 -17.58 44.10 -27.91
C GLU D 137 -16.94 45.42 -28.37
N ASN D 138 -15.99 45.31 -29.30
CA ASN D 138 -15.22 46.46 -29.81
C ASN D 138 -14.38 47.18 -28.76
N LYS D 139 -13.88 46.43 -27.78
CA LYS D 139 -12.93 46.96 -26.79
C LYS D 139 -11.71 46.06 -26.72
N THR D 140 -10.67 46.57 -26.08
CA THR D 140 -9.44 45.82 -25.79
C THR D 140 -9.52 45.32 -24.34
N ILE D 141 -9.59 44.00 -24.20
CA ILE D 141 -9.84 43.35 -22.91
C ILE D 141 -8.56 42.67 -22.45
N VAL D 142 -8.11 43.03 -21.26
CA VAL D 142 -6.96 42.39 -20.62
C VAL D 142 -7.50 41.46 -19.55
N CYS D 143 -7.02 40.21 -19.54
CA CYS D 143 -7.40 39.23 -18.53
C CYS D 143 -6.15 38.62 -17.93
N VAL D 144 -5.89 38.95 -16.67
CA VAL D 144 -4.77 38.36 -15.93
C VAL D 144 -5.27 37.08 -15.27
N SER D 145 -4.46 36.04 -15.41
CA SER D 145 -4.84 34.69 -14.99
C SER D 145 -3.58 33.83 -14.97
N HIS D 146 -3.76 32.51 -15.10
CA HIS D 146 -2.69 31.55 -14.84
C HIS D 146 -2.43 30.56 -15.95
N GLY D 147 -1.24 29.97 -15.87
CA GLY D 147 -0.69 29.04 -16.87
C GLY D 147 -1.62 27.96 -17.39
N ALA D 148 -2.14 27.12 -16.51
CA ALA D 148 -3.09 26.09 -16.90
C ALA D 148 -4.38 26.68 -17.43
N TRP D 149 -4.88 27.72 -16.75
CA TRP D 149 -6.12 28.40 -17.13
C TRP D 149 -6.04 28.99 -18.54
N ILE D 150 -4.90 29.61 -18.86
CA ILE D 150 -4.73 30.27 -20.15
C ILE D 150 -4.58 29.24 -21.26
N LYS D 151 -3.74 28.24 -21.03
CA LYS D 151 -3.53 27.15 -22.00
C LYS D 151 -4.82 26.40 -22.38
N THR D 152 -5.68 26.11 -21.42
CA THR D 152 -6.99 25.50 -21.70
C THR D 152 -7.88 26.45 -22.49
N SER D 153 -7.87 27.73 -22.09
CA SER D 153 -8.58 28.78 -22.82
C SER D 153 -8.16 28.87 -24.28
N ILE D 154 -6.86 28.74 -24.55
CA ILE D 154 -6.35 28.72 -25.93
C ILE D 154 -6.94 27.52 -26.66
N LEU D 155 -6.76 26.34 -26.08
CA LEU D 155 -7.28 25.09 -26.64
C LEU D 155 -8.80 25.14 -26.87
N GLY D 156 -9.51 25.82 -25.98
CA GLY D 156 -10.95 26.01 -26.10
C GLY D 156 -11.36 26.94 -27.22
N LEU D 157 -10.82 28.15 -27.21
CA LEU D 157 -11.10 29.15 -28.24
C LEU D 157 -10.74 28.66 -29.66
N LEU D 158 -9.61 27.96 -29.78
CA LEU D 158 -9.11 27.44 -31.06
C LEU D 158 -9.57 26.01 -31.37
N GLU D 159 -10.13 25.34 -30.38
CA GLU D 159 -10.79 24.03 -30.54
C GLU D 159 -9.79 22.94 -30.89
N MET D 160 -8.82 22.78 -29.98
CA MET D 160 -7.72 21.84 -30.12
C MET D 160 -7.90 20.65 -29.20
N GLU D 161 -7.35 19.52 -29.63
CA GLU D 161 -7.29 18.31 -28.81
C GLU D 161 -6.52 18.61 -27.50
N PRO D 162 -7.08 18.20 -26.34
CA PRO D 162 -6.48 18.40 -25.01
C PRO D 162 -4.98 18.15 -24.87
N THR D 163 -4.47 17.14 -25.57
CA THR D 163 -3.05 16.78 -25.55
C THR D 163 -2.12 17.89 -26.07
N MET D 164 -2.66 18.80 -26.87
CA MET D 164 -1.93 20.00 -27.35
C MET D 164 -1.49 20.96 -26.23
N TYR D 165 -2.12 20.87 -25.07
CA TYR D 165 -1.68 21.53 -23.83
C TYR D 165 -0.18 21.34 -23.53
N HIS D 166 0.35 20.16 -23.85
CA HIS D 166 1.77 19.85 -23.59
C HIS D 166 2.73 20.38 -24.67
N LYS D 167 2.17 20.98 -25.72
CA LYS D 167 2.93 21.58 -26.83
C LYS D 167 3.08 23.11 -26.70
N PHE D 168 2.32 23.74 -25.80
CA PHE D 168 2.46 25.16 -25.49
C PHE D 168 3.16 25.35 -24.14
N GLN D 169 4.15 26.24 -24.11
CA GLN D 169 4.86 26.58 -22.88
C GLN D 169 4.77 28.07 -22.63
N LEU D 170 4.12 28.43 -21.53
CA LEU D 170 3.71 29.80 -21.23
C LEU D 170 4.48 30.36 -20.02
N GLY D 171 5.05 31.55 -20.20
CA GLY D 171 5.96 32.15 -19.24
C GLY D 171 5.25 33.17 -18.37
N ASN D 172 5.87 33.49 -17.24
CA ASN D 172 5.36 34.49 -16.30
C ASN D 172 5.30 35.85 -16.96
N THR D 173 4.11 36.47 -16.92
CA THR D 173 3.79 37.70 -17.66
C THR D 173 3.82 37.55 -19.19
N GLY D 174 3.71 36.32 -19.68
CA GLY D 174 3.68 36.05 -21.11
C GLY D 174 2.39 36.55 -21.71
N ILE D 175 2.50 37.38 -22.74
CA ILE D 175 1.32 37.95 -23.40
C ILE D 175 0.85 37.02 -24.52
N THR D 176 -0.46 36.79 -24.54
CA THR D 176 -1.13 35.94 -25.50
C THR D 176 -2.34 36.72 -25.97
N THR D 177 -2.52 36.86 -27.27
CA THR D 177 -3.56 37.73 -27.83
C THR D 177 -4.44 37.03 -28.87
N PHE D 178 -5.70 37.46 -28.93
CA PHE D 178 -6.70 36.95 -29.88
C PHE D 178 -7.46 38.11 -30.52
N ILE D 179 -7.94 37.87 -31.74
CA ILE D 179 -8.95 38.72 -32.40
C ILE D 179 -10.06 37.79 -32.92
N PHE D 180 -11.16 38.37 -33.40
CA PHE D 180 -12.32 37.57 -33.86
C PHE D 180 -12.75 37.85 -35.30
N ARG D 181 -11.93 37.37 -36.25
CA ARG D 181 -12.28 37.37 -37.68
C ARG D 181 -13.17 36.15 -38.00
N HIS D 182 -14.27 36.41 -38.71
CA HIS D 182 -15.26 35.37 -39.10
C HIS D 182 -16.07 34.79 -37.92
N GLY D 183 -16.37 35.64 -36.92
CA GLY D 183 -17.01 35.21 -35.65
C GLY D 183 -16.10 34.50 -34.66
N HIS D 184 -15.27 33.58 -35.16
CA HIS D 184 -14.43 32.71 -34.35
C HIS D 184 -13.09 33.38 -34.01
N PRO D 185 -12.43 32.92 -32.92
CA PRO D 185 -11.21 33.59 -32.48
C PRO D 185 -10.00 33.15 -33.30
N VAL D 186 -9.06 34.08 -33.47
CA VAL D 186 -7.81 33.84 -34.18
C VAL D 186 -6.67 34.31 -33.29
N LEU D 187 -5.72 33.42 -33.03
CA LEU D 187 -4.53 33.71 -32.21
C LEU D 187 -3.56 34.65 -32.96
N THR D 188 -3.38 35.86 -32.44
CA THR D 188 -2.46 36.87 -33.01
C THR D 188 -1.08 36.95 -32.36
N SER D 189 -0.94 36.43 -31.13
CA SER D 189 0.38 36.20 -30.53
C SER D 189 0.25 35.20 -29.38
N PHE D 190 1.35 34.57 -29.02
CA PHE D 190 1.39 33.67 -27.87
C PHE D 190 2.71 33.81 -27.10
N ASN D 191 2.60 33.79 -25.78
CA ASN D 191 3.74 33.90 -24.84
C ASN D 191 4.83 34.90 -25.28
N SER D 192 4.39 36.07 -25.71
CA SER D 192 5.30 37.15 -26.04
C SER D 192 5.85 37.70 -24.72
N THR D 193 7.14 37.48 -24.49
CA THR D 193 7.85 37.88 -23.25
C THR D 193 9.04 38.82 -23.53
N GLN D 194 9.02 39.53 -24.65
CA GLN D 194 10.12 40.44 -25.03
C GLN D 194 10.33 41.61 -24.04
N HIS D 195 9.28 41.98 -23.31
CA HIS D 195 9.33 42.97 -22.22
C HIS D 195 10.28 42.62 -21.05
N LEU D 196 10.64 41.36 -20.92
CA LEU D 196 11.63 40.90 -19.95
C LEU D 196 13.03 41.08 -20.55
N LEU D 197 13.73 42.14 -20.12
CA LEU D 197 14.99 42.56 -20.74
C LEU D 197 15.96 43.11 -19.70
#